data_2W85
#
_entry.id   2W85
#
_cell.length_a   1.000
_cell.length_b   1.000
_cell.length_c   1.000
_cell.angle_alpha   90.00
_cell.angle_beta   90.00
_cell.angle_gamma   90.00
#
_symmetry.space_group_name_H-M   'P 1'
#
loop_
_entity.id
_entity.type
_entity.pdbx_description
1 polymer 'PEROXISOMAL MEMBRANE ANCHOR PROTEIN PEX14'
2 polymer PEROXIN-19
#
loop_
_entity_poly.entity_id
_entity_poly.type
_entity_poly.pdbx_seq_one_letter_code
_entity_poly.pdbx_strand_id
1 'polypeptide(L)' GAMATPGSENVLPREPLIATAVKFLQNSRVRQSPLATRRAFLKKKGLTDEEIDMAFQQSGTAADEPSSLW A
2 'polypeptide(L)' SQEKFFQELFDS B
#
# COMPACT_ATOMS: atom_id res chain seq x y z
N GLU A 9 -10.65 -10.11 10.52
CA GLU A 9 -10.38 -8.71 10.27
C GLU A 9 -9.37 -8.57 9.13
N ASN A 10 -8.41 -9.50 9.08
CA ASN A 10 -7.38 -9.53 8.03
C ASN A 10 -6.33 -8.42 8.23
N VAL A 11 -6.76 -7.31 8.84
CA VAL A 11 -5.88 -6.20 9.11
C VAL A 11 -5.01 -6.47 10.33
N LEU A 12 -4.12 -7.45 10.19
CA LEU A 12 -3.14 -7.75 11.22
C LEU A 12 -1.82 -7.09 10.82
N PRO A 13 -1.36 -6.10 11.60
CA PRO A 13 -0.14 -5.35 11.31
C PRO A 13 1.09 -6.26 11.21
N ARG A 14 1.59 -6.42 10.00
CA ARG A 14 2.69 -7.33 9.72
C ARG A 14 3.71 -6.67 8.81
N GLU A 15 4.99 -6.90 9.12
CA GLU A 15 6.10 -6.37 8.34
C GLU A 15 6.09 -6.89 6.89
N PRO A 16 5.79 -8.20 6.64
CA PRO A 16 5.61 -8.72 5.28
C PRO A 16 4.65 -7.87 4.46
N LEU A 17 3.67 -7.26 5.12
CA LEU A 17 2.73 -6.37 4.44
C LEU A 17 3.43 -5.11 4.00
N ILE A 18 4.26 -4.56 4.87
CA ILE A 18 5.03 -3.36 4.57
C ILE A 18 5.93 -3.60 3.36
N ALA A 19 6.65 -4.71 3.40
CA ALA A 19 7.55 -5.08 2.30
C ALA A 19 6.79 -5.19 0.98
N THR A 20 5.66 -5.90 1.02
CA THR A 20 4.82 -6.06 -0.16
C THR A 20 4.26 -4.71 -0.62
N ALA A 21 3.94 -3.86 0.35
CA ALA A 21 3.37 -2.55 0.05
C ALA A 21 4.38 -1.63 -0.60
N VAL A 22 5.57 -1.53 -0.03
CA VAL A 22 6.63 -0.69 -0.60
C VAL A 22 6.93 -1.12 -2.04
N LYS A 23 6.99 -2.43 -2.26
CA LYS A 23 7.17 -2.98 -3.60
C LYS A 23 6.03 -2.52 -4.51
N PHE A 24 4.82 -2.64 -4.00
CA PHE A 24 3.63 -2.24 -4.73
C PHE A 24 3.72 -0.77 -5.14
N LEU A 25 3.93 0.07 -4.13
CA LEU A 25 3.93 1.53 -4.30
C LEU A 25 4.96 1.97 -5.33
N GLN A 26 6.21 1.56 -5.13
CA GLN A 26 7.31 2.03 -5.96
C GLN A 26 7.58 1.09 -7.12
N ASN A 27 6.60 0.27 -7.46
CA ASN A 27 6.71 -0.60 -8.63
C ASN A 27 6.73 0.24 -9.89
N SER A 28 5.72 1.10 -10.04
CA SER A 28 5.64 1.97 -11.21
C SER A 28 4.51 2.99 -11.09
N ARG A 29 3.28 2.50 -11.14
CA ARG A 29 2.12 3.38 -11.30
C ARG A 29 1.53 3.82 -9.96
N VAL A 30 1.80 3.07 -8.90
CA VAL A 30 1.17 3.33 -7.62
C VAL A 30 1.63 4.65 -7.02
N ARG A 31 2.88 5.02 -7.26
CA ARG A 31 3.39 6.32 -6.82
C ARG A 31 2.62 7.45 -7.50
N GLN A 32 2.12 7.18 -8.69
CA GLN A 32 1.39 8.16 -9.48
C GLN A 32 -0.12 7.99 -9.25
N SER A 33 -0.47 6.94 -8.52
CA SER A 33 -1.87 6.66 -8.20
C SER A 33 -2.32 7.53 -7.03
N PRO A 34 -3.54 8.10 -7.13
CA PRO A 34 -4.11 8.94 -6.07
C PRO A 34 -4.21 8.20 -4.74
N LEU A 35 -3.98 8.93 -3.66
CA LEU A 35 -3.96 8.35 -2.33
C LEU A 35 -5.36 7.92 -1.90
N ALA A 36 -6.37 8.46 -2.57
CA ALA A 36 -7.74 8.00 -2.36
C ALA A 36 -7.83 6.49 -2.56
N THR A 37 -7.15 5.99 -3.59
CA THR A 37 -7.01 4.55 -3.77
C THR A 37 -6.09 3.95 -2.72
N ARG A 38 -4.89 4.52 -2.62
CA ARG A 38 -3.82 3.92 -1.81
C ARG A 38 -4.21 3.78 -0.34
N ARG A 39 -4.99 4.72 0.19
CA ARG A 39 -5.39 4.68 1.58
C ARG A 39 -6.32 3.51 1.86
N ALA A 40 -7.42 3.45 1.13
CA ALA A 40 -8.36 2.35 1.28
C ALA A 40 -7.66 1.04 0.97
N PHE A 41 -6.86 1.05 -0.10
CA PHE A 41 -6.14 -0.13 -0.57
C PHE A 41 -5.35 -0.81 0.56
N LEU A 42 -4.33 -0.14 1.07
CA LEU A 42 -3.46 -0.76 2.09
C LEU A 42 -4.25 -1.15 3.33
N LYS A 43 -5.18 -0.29 3.73
CA LYS A 43 -5.99 -0.53 4.91
C LYS A 43 -6.86 -1.79 4.74
N LYS A 44 -7.36 -1.98 3.53
CA LYS A 44 -8.20 -3.15 3.22
C LYS A 44 -7.35 -4.40 3.01
N LYS A 45 -6.11 -4.20 2.56
CA LYS A 45 -5.21 -5.31 2.31
C LYS A 45 -4.78 -5.99 3.61
N GLY A 46 -4.81 -5.25 4.70
CA GLY A 46 -4.46 -5.81 5.98
C GLY A 46 -3.55 -4.92 6.80
N LEU A 47 -3.25 -3.76 6.29
CA LEU A 47 -2.40 -2.82 7.01
C LEU A 47 -3.24 -1.87 7.83
N THR A 48 -2.94 -1.79 9.12
CA THR A 48 -3.61 -0.84 9.99
C THR A 48 -3.16 0.57 9.64
N ASP A 49 -3.79 1.56 10.26
CA ASP A 49 -3.49 2.95 10.00
C ASP A 49 -2.01 3.23 10.22
N GLU A 50 -1.49 2.72 11.33
CA GLU A 50 -0.08 2.83 11.67
C GLU A 50 0.80 2.26 10.54
N GLU A 51 0.39 1.12 10.00
CA GLU A 51 1.18 0.40 9.00
C GLU A 51 1.17 1.12 7.66
N ILE A 52 0.06 1.77 7.34
CA ILE A 52 -0.04 2.43 6.05
C ILE A 52 0.88 3.64 5.98
N ASP A 53 1.03 4.36 7.09
CA ASP A 53 2.01 5.45 7.10
C ASP A 53 3.40 4.87 7.21
N MET A 54 3.53 3.71 7.82
CA MET A 54 4.83 3.03 7.89
C MET A 54 5.35 2.74 6.49
N ALA A 55 4.50 2.11 5.67
CA ALA A 55 4.86 1.76 4.31
C ALA A 55 5.14 3.02 3.48
N PHE A 56 4.29 4.03 3.65
CA PHE A 56 4.46 5.28 2.91
C PHE A 56 5.63 6.11 3.44
N GLN A 57 5.94 5.97 4.71
CA GLN A 57 7.07 6.67 5.30
C GLN A 57 8.38 6.08 4.80
N GLN A 58 8.41 4.75 4.69
CA GLN A 58 9.59 4.05 4.21
C GLN A 58 9.81 4.30 2.72
N SER A 59 8.73 4.32 1.96
CA SER A 59 8.83 4.56 0.53
C SER A 59 9.01 6.04 0.23
N GLY A 60 8.58 6.88 1.17
CA GLY A 60 8.82 8.30 1.06
C GLY A 60 7.94 8.97 0.02
N THR A 61 6.65 9.07 0.30
CA THR A 61 5.74 9.78 -0.58
C THR A 61 5.70 11.26 -0.20
N ALA A 62 5.37 11.52 1.07
CA ALA A 62 5.37 12.86 1.64
C ALA A 62 4.58 13.85 0.77
N ALA A 63 3.26 13.66 0.75
CA ALA A 63 2.39 14.49 -0.05
C ALA A 63 1.06 14.72 0.66
N ASP A 64 0.14 13.79 0.46
CA ASP A 64 -1.13 13.81 1.16
C ASP A 64 -1.21 12.54 1.99
N GLU A 65 -0.68 12.61 3.20
CA GLU A 65 -0.40 11.42 4.01
C GLU A 65 -1.64 10.58 4.26
N SER B 1 -4.83 -4.39 -17.07
CA SER B 1 -5.91 -4.06 -16.12
C SER B 1 -5.33 -3.48 -14.83
N GLN B 2 -5.76 -2.26 -14.52
CA GLN B 2 -5.25 -1.57 -13.34
C GLN B 2 -5.82 -2.19 -12.07
N GLU B 3 -7.04 -2.70 -12.16
CA GLU B 3 -7.67 -3.39 -11.04
C GLU B 3 -6.83 -4.60 -10.62
N LYS B 4 -6.41 -5.38 -11.61
CA LYS B 4 -5.58 -6.56 -11.35
C LYS B 4 -4.20 -6.14 -10.84
N PHE B 5 -3.77 -4.93 -11.23
CA PHE B 5 -2.49 -4.40 -10.79
C PHE B 5 -2.48 -4.21 -9.28
N PHE B 6 -3.64 -3.91 -8.70
CA PHE B 6 -3.74 -3.76 -7.25
C PHE B 6 -3.78 -5.13 -6.58
N GLN B 7 -4.24 -6.12 -7.32
CA GLN B 7 -4.48 -7.45 -6.78
C GLN B 7 -3.26 -8.36 -6.94
N GLU B 8 -2.86 -8.60 -8.18
CA GLU B 8 -1.77 -9.51 -8.50
C GLU B 8 -0.46 -9.08 -7.85
N LEU B 9 -0.16 -7.79 -7.98
CA LEU B 9 1.11 -7.26 -7.51
C LEU B 9 1.23 -7.31 -5.99
N PHE B 10 0.10 -7.18 -5.30
CA PHE B 10 0.12 -7.15 -3.84
C PHE B 10 -0.08 -8.55 -3.28
N ASP B 11 -0.57 -9.46 -4.11
CA ASP B 11 -0.74 -10.87 -3.71
C ASP B 11 0.60 -11.46 -3.29
N SER B 12 1.61 -11.17 -4.09
CA SER B 12 2.96 -11.61 -3.81
C SER B 12 3.95 -10.54 -4.25
N GLU A 9 -11.66 -7.98 10.44
CA GLU A 9 -10.59 -8.83 10.95
C GLU A 9 -9.48 -9.00 9.92
N ASN A 10 -9.70 -8.48 8.72
CA ASN A 10 -8.73 -8.63 7.63
C ASN A 10 -7.77 -7.45 7.61
N VAL A 11 -7.59 -6.84 8.76
CA VAL A 11 -6.72 -5.68 8.90
C VAL A 11 -5.41 -6.09 9.57
N LEU A 12 -5.17 -7.40 9.63
CA LEU A 12 -4.01 -7.97 10.31
C LEU A 12 -2.71 -7.40 9.76
N PRO A 13 -2.06 -6.50 10.52
CA PRO A 13 -0.86 -5.82 10.10
C PRO A 13 0.41 -6.54 10.53
N ARG A 14 1.15 -7.06 9.56
CA ARG A 14 2.38 -7.77 9.84
C ARG A 14 3.51 -7.33 8.92
N GLU A 15 4.72 -7.74 9.23
CA GLU A 15 5.91 -7.33 8.47
C GLU A 15 5.78 -7.59 6.96
N PRO A 16 5.39 -8.83 6.54
CA PRO A 16 5.22 -9.17 5.11
C PRO A 16 4.30 -8.19 4.37
N LEU A 17 3.37 -7.59 5.09
CA LEU A 17 2.44 -6.63 4.50
C LEU A 17 3.17 -5.36 4.09
N ILE A 18 4.03 -4.88 4.99
CA ILE A 18 4.79 -3.67 4.74
C ILE A 18 5.69 -3.84 3.52
N ALA A 19 6.44 -4.94 3.49
CA ALA A 19 7.34 -5.24 2.38
C ALA A 19 6.60 -5.28 1.06
N THR A 20 5.47 -5.99 1.02
CA THR A 20 4.68 -6.11 -0.19
C THR A 20 4.09 -4.76 -0.58
N ALA A 21 3.67 -3.99 0.42
CA ALA A 21 3.09 -2.68 0.17
C ALA A 21 4.11 -1.72 -0.41
N VAL A 22 5.29 -1.64 0.21
CA VAL A 22 6.35 -0.74 -0.27
C VAL A 22 6.73 -1.08 -1.71
N LYS A 23 6.85 -2.38 -2.00
CA LYS A 23 7.11 -2.84 -3.37
C LYS A 23 6.03 -2.30 -4.31
N PHE A 24 4.80 -2.42 -3.87
CA PHE A 24 3.65 -1.95 -4.63
C PHE A 24 3.73 -0.44 -4.85
N LEU A 25 3.91 0.29 -3.77
CA LEU A 25 3.87 1.75 -3.78
C LEU A 25 4.90 2.34 -4.75
N GLN A 26 6.06 1.73 -4.81
CA GLN A 26 7.13 2.24 -5.66
C GLN A 26 7.17 1.52 -6.99
N ASN A 27 6.00 1.16 -7.50
CA ASN A 27 5.92 0.55 -8.82
C ASN A 27 5.65 1.62 -9.87
N SER A 28 6.09 2.85 -9.58
CA SER A 28 5.98 3.99 -10.49
C SER A 28 4.53 4.45 -10.65
N ARG A 29 3.71 3.61 -11.28
CA ARG A 29 2.32 3.96 -11.59
C ARG A 29 1.50 4.14 -10.30
N VAL A 30 1.96 3.53 -9.22
CA VAL A 30 1.25 3.61 -7.95
C VAL A 30 1.31 5.01 -7.35
N ARG A 31 2.41 5.71 -7.59
CA ARG A 31 2.56 7.06 -7.09
C ARG A 31 1.83 8.06 -7.99
N GLN A 32 1.54 7.62 -9.22
CA GLN A 32 0.73 8.42 -10.13
C GLN A 32 -0.76 8.13 -9.88
N SER A 33 -1.03 6.88 -9.55
CA SER A 33 -2.38 6.44 -9.20
C SER A 33 -2.85 7.13 -7.91
N PRO A 34 -4.09 7.65 -7.94
CA PRO A 34 -4.67 8.45 -6.84
C PRO A 34 -4.39 7.90 -5.45
N LEU A 35 -3.88 8.77 -4.59
CA LEU A 35 -3.59 8.42 -3.20
C LEU A 35 -4.89 8.09 -2.47
N ALA A 36 -6.00 8.56 -3.03
CA ALA A 36 -7.33 8.20 -2.52
C ALA A 36 -7.49 6.69 -2.48
N THR A 37 -7.07 6.03 -3.56
CA THR A 37 -7.07 4.58 -3.62
C THR A 37 -6.05 4.03 -2.63
N ARG A 38 -4.90 4.68 -2.55
CA ARG A 38 -3.78 4.20 -1.74
C ARG A 38 -4.19 3.92 -0.29
N ARG A 39 -4.89 4.86 0.34
CA ARG A 39 -5.25 4.71 1.76
C ARG A 39 -6.09 3.46 2.00
N ALA A 40 -7.25 3.40 1.36
CA ALA A 40 -8.16 2.28 1.53
C ALA A 40 -7.51 0.99 1.07
N PHE A 41 -6.81 1.06 -0.06
CA PHE A 41 -6.16 -0.10 -0.64
C PHE A 41 -5.27 -0.85 0.36
N LEU A 42 -4.29 -0.15 0.94
CA LEU A 42 -3.36 -0.79 1.87
C LEU A 42 -4.09 -1.35 3.08
N LYS A 43 -5.01 -0.58 3.63
CA LYS A 43 -5.71 -0.97 4.87
C LYS A 43 -6.62 -2.17 4.63
N LYS A 44 -7.14 -2.27 3.42
CA LYS A 44 -8.02 -3.37 3.07
C LYS A 44 -7.24 -4.64 2.77
N LYS A 45 -5.97 -4.50 2.43
CA LYS A 45 -5.12 -5.66 2.22
C LYS A 45 -4.74 -6.29 3.57
N GLY A 46 -4.42 -5.45 4.54
CA GLY A 46 -4.14 -5.95 5.87
C GLY A 46 -3.13 -5.12 6.63
N LEU A 47 -3.52 -3.91 7.02
CA LEU A 47 -2.68 -3.06 7.86
C LEU A 47 -3.48 -1.91 8.43
N THR A 48 -3.09 -1.44 9.60
CA THR A 48 -3.75 -0.35 10.25
C THR A 48 -3.13 0.99 9.84
N ASP A 49 -3.68 2.09 10.34
CA ASP A 49 -3.19 3.42 9.99
C ASP A 49 -1.71 3.58 10.27
N GLU A 50 -1.25 3.03 11.38
CA GLU A 50 0.16 3.11 11.75
C GLU A 50 1.03 2.35 10.74
N GLU A 51 0.52 1.26 10.21
CA GLU A 51 1.28 0.44 9.29
C GLU A 51 1.28 1.02 7.88
N ILE A 52 0.22 1.74 7.51
CA ILE A 52 0.17 2.33 6.19
C ILE A 52 1.17 3.47 6.05
N ASP A 53 1.37 4.28 7.11
CA ASP A 53 2.45 5.26 7.07
C ASP A 53 3.78 4.59 7.30
N MET A 54 3.77 3.40 7.88
CA MET A 54 5.00 2.63 7.97
C MET A 54 5.49 2.34 6.56
N ALA A 55 4.56 1.90 5.71
CA ALA A 55 4.88 1.59 4.33
C ALA A 55 5.10 2.87 3.51
N PHE A 56 4.20 3.84 3.65
CA PHE A 56 4.27 5.07 2.86
C PHE A 56 5.44 5.96 3.29
N GLN A 57 5.68 6.09 4.58
CA GLN A 57 6.77 6.94 5.05
C GLN A 57 8.10 6.33 4.65
N GLN A 58 8.22 5.01 4.82
CA GLN A 58 9.46 4.30 4.50
C GLN A 58 9.79 4.44 3.01
N SER A 59 8.77 4.38 2.16
CA SER A 59 8.97 4.50 0.73
C SER A 59 9.27 5.95 0.33
N GLY A 60 9.15 6.86 1.29
CA GLY A 60 9.43 8.26 1.04
C GLY A 60 8.23 8.98 0.44
N THR A 61 7.10 8.29 0.42
CA THR A 61 5.89 8.83 -0.16
C THR A 61 5.12 9.68 0.85
N ALA A 62 5.34 10.99 0.79
CA ALA A 62 4.63 11.90 1.66
C ALA A 62 3.19 12.07 1.19
N ALA A 63 2.35 11.13 1.57
CA ALA A 63 0.96 11.11 1.15
C ALA A 63 0.07 11.80 2.18
N ASP A 64 0.52 12.95 2.68
CA ASP A 64 -0.16 13.67 3.76
C ASP A 64 -0.27 12.73 4.96
N GLU A 65 -1.38 12.74 5.68
CA GLU A 65 -1.61 11.71 6.67
C GLU A 65 -2.47 10.61 6.05
N SER B 1 -8.41 -3.25 -15.53
CA SER B 1 -6.95 -3.13 -15.66
C SER B 1 -6.30 -2.81 -14.31
N GLN B 2 -6.75 -1.72 -13.67
CA GLN B 2 -6.14 -1.27 -12.44
C GLN B 2 -6.53 -2.14 -11.25
N GLU B 3 -7.69 -2.79 -11.33
CA GLU B 3 -8.13 -3.65 -10.24
C GLU B 3 -7.22 -4.87 -10.11
N LYS B 4 -6.73 -5.36 -11.25
CA LYS B 4 -5.77 -6.46 -11.28
C LYS B 4 -4.41 -5.96 -10.79
N PHE B 5 -4.10 -4.71 -11.13
CA PHE B 5 -2.86 -4.07 -10.71
C PHE B 5 -2.78 -4.02 -9.19
N PHE B 6 -3.92 -3.82 -8.55
CA PHE B 6 -3.98 -3.77 -7.09
C PHE B 6 -3.89 -5.17 -6.48
N GLN B 7 -4.28 -6.17 -7.25
CA GLN B 7 -4.36 -7.54 -6.73
C GLN B 7 -3.09 -8.32 -7.01
N GLU B 8 -2.74 -8.44 -8.28
CA GLU B 8 -1.66 -9.32 -8.72
C GLU B 8 -0.30 -8.88 -8.15
N LEU B 9 -0.15 -7.58 -7.93
CA LEU B 9 1.10 -7.06 -7.40
C LEU B 9 1.20 -7.30 -5.90
N PHE B 10 0.06 -7.35 -5.22
CA PHE B 10 0.05 -7.55 -3.79
C PHE B 10 -0.02 -9.03 -3.47
N ASP B 11 -0.19 -9.84 -4.50
CA ASP B 11 -0.22 -11.29 -4.37
C ASP B 11 1.10 -11.81 -3.83
N SER B 12 2.18 -11.42 -4.49
CA SER B 12 3.51 -11.82 -4.08
C SER B 12 4.52 -10.82 -4.66
N GLU A 9 -12.33 -7.22 9.21
CA GLU A 9 -11.92 -5.84 9.22
C GLU A 9 -10.68 -5.63 8.36
N ASN A 10 -9.82 -6.64 8.36
CA ASN A 10 -8.59 -6.66 7.58
C ASN A 10 -7.59 -5.63 8.10
N VAL A 11 -7.66 -5.35 9.38
CA VAL A 11 -6.74 -4.43 10.02
C VAL A 11 -5.56 -5.22 10.60
N LEU A 12 -4.78 -5.79 9.69
CA LEU A 12 -3.72 -6.73 10.04
C LEU A 12 -2.34 -6.05 10.09
N PRO A 13 -1.78 -5.86 11.28
CA PRO A 13 -0.45 -5.29 11.45
C PRO A 13 0.65 -6.36 11.38
N ARG A 14 1.22 -6.55 10.19
CA ARG A 14 2.28 -7.55 10.00
C ARG A 14 3.45 -6.99 9.19
N GLU A 15 4.65 -7.42 9.60
CA GLU A 15 5.91 -7.06 8.95
C GLU A 15 5.91 -7.40 7.44
N PRO A 16 5.58 -8.66 7.05
CA PRO A 16 5.56 -9.07 5.63
C PRO A 16 4.65 -8.18 4.78
N LEU A 17 3.54 -7.72 5.37
CA LEU A 17 2.59 -6.90 4.66
C LEU A 17 3.23 -5.57 4.27
N ILE A 18 3.97 -4.98 5.22
CA ILE A 18 4.67 -3.73 4.99
C ILE A 18 5.66 -3.88 3.85
N ALA A 19 6.38 -4.99 3.84
CA ALA A 19 7.36 -5.27 2.79
C ALA A 19 6.71 -5.33 1.41
N THR A 20 5.57 -6.01 1.33
CA THR A 20 4.84 -6.11 0.07
C THR A 20 4.25 -4.76 -0.33
N ALA A 21 3.82 -3.99 0.66
CA ALA A 21 3.22 -2.69 0.40
C ALA A 21 4.21 -1.75 -0.27
N VAL A 22 5.44 -1.71 0.23
CA VAL A 22 6.47 -0.87 -0.36
C VAL A 22 6.85 -1.39 -1.75
N LYS A 23 6.87 -2.70 -1.90
CA LYS A 23 7.08 -3.33 -3.21
C LYS A 23 6.04 -2.84 -4.19
N PHE A 24 4.78 -2.94 -3.78
CA PHE A 24 3.66 -2.46 -4.57
C PHE A 24 3.85 -0.98 -4.88
N LEU A 25 4.09 -0.20 -3.84
CA LEU A 25 4.28 1.25 -3.94
C LEU A 25 5.32 1.63 -4.98
N GLN A 26 6.53 1.14 -4.82
CA GLN A 26 7.64 1.54 -5.67
C GLN A 26 7.79 0.61 -6.87
N ASN A 27 6.68 0.26 -7.48
CA ASN A 27 6.70 -0.39 -8.78
C ASN A 27 6.99 0.67 -9.83
N SER A 28 6.16 1.70 -9.86
CA SER A 28 6.32 2.85 -10.75
C SER A 28 5.11 3.78 -10.66
N ARG A 29 3.97 3.26 -11.07
CA ARG A 29 2.76 4.05 -11.26
C ARG A 29 2.05 4.30 -9.93
N VAL A 30 2.27 3.40 -8.98
CA VAL A 30 1.53 3.42 -7.72
C VAL A 30 1.67 4.73 -6.95
N ARG A 31 2.86 5.31 -6.96
CA ARG A 31 3.11 6.53 -6.22
C ARG A 31 2.47 7.74 -6.91
N GLN A 32 2.04 7.53 -8.15
CA GLN A 32 1.36 8.57 -8.91
C GLN A 32 -0.14 8.26 -9.01
N SER A 33 -0.54 7.18 -8.38
CA SER A 33 -1.95 6.79 -8.34
C SER A 33 -2.64 7.52 -7.20
N PRO A 34 -3.91 7.91 -7.40
CA PRO A 34 -4.70 8.63 -6.39
C PRO A 34 -4.66 7.97 -5.03
N LEU A 35 -4.20 8.72 -4.03
CA LEU A 35 -4.06 8.22 -2.68
C LEU A 35 -5.42 7.83 -2.10
N ALA A 36 -6.50 8.35 -2.68
CA ALA A 36 -7.85 7.93 -2.32
C ALA A 36 -7.96 6.40 -2.34
N THR A 37 -7.49 5.78 -3.41
CA THR A 37 -7.41 4.33 -3.48
C THR A 37 -6.32 3.83 -2.54
N ARG A 38 -5.19 4.52 -2.56
CA ARG A 38 -4.00 4.10 -1.81
C ARG A 38 -4.30 3.85 -0.34
N ARG A 39 -5.04 4.76 0.28
CA ARG A 39 -5.35 4.65 1.71
C ARG A 39 -6.19 3.40 1.97
N ALA A 40 -7.37 3.38 1.37
CA ALA A 40 -8.32 2.28 1.58
C ALA A 40 -7.71 0.96 1.14
N PHE A 41 -6.88 1.02 0.12
CA PHE A 41 -6.20 -0.15 -0.41
C PHE A 41 -5.43 -0.89 0.67
N LEU A 42 -4.52 -0.20 1.36
CA LEU A 42 -3.72 -0.83 2.39
C LEU A 42 -4.59 -1.32 3.54
N LYS A 43 -5.59 -0.54 3.90
CA LYS A 43 -6.49 -0.91 5.00
C LYS A 43 -7.33 -2.15 4.65
N LYS A 44 -7.76 -2.24 3.40
CA LYS A 44 -8.57 -3.38 2.97
C LYS A 44 -7.70 -4.60 2.67
N LYS A 45 -6.48 -4.36 2.24
CA LYS A 45 -5.58 -5.44 1.85
C LYS A 45 -5.14 -6.24 3.07
N GLY A 46 -5.09 -5.57 4.21
CA GLY A 46 -4.73 -6.23 5.44
C GLY A 46 -3.63 -5.50 6.18
N LEU A 47 -3.92 -4.29 6.63
CA LEU A 47 -2.94 -3.47 7.32
C LEU A 47 -3.63 -2.38 8.13
N THR A 48 -2.98 -1.88 9.17
CA THR A 48 -3.53 -0.81 9.98
C THR A 48 -3.01 0.53 9.50
N ASP A 49 -3.67 1.62 9.88
CA ASP A 49 -3.23 2.96 9.47
C ASP A 49 -1.77 3.21 9.85
N GLU A 50 -1.37 2.73 11.02
CA GLU A 50 -0.01 2.91 11.49
C GLU A 50 1.02 2.46 10.46
N GLU A 51 0.86 1.25 9.97
CA GLU A 51 1.82 0.69 9.03
C GLU A 51 1.71 1.34 7.66
N ILE A 52 0.54 1.88 7.32
CA ILE A 52 0.39 2.51 6.01
C ILE A 52 1.31 3.73 5.89
N ASP A 53 1.44 4.51 6.96
CA ASP A 53 2.42 5.61 6.93
C ASP A 53 3.80 5.03 7.02
N MET A 54 3.97 3.91 7.70
CA MET A 54 5.28 3.27 7.79
C MET A 54 5.79 2.93 6.39
N ALA A 55 4.90 2.36 5.58
CA ALA A 55 5.23 2.02 4.20
C ALA A 55 5.39 3.28 3.35
N PHE A 56 4.42 4.18 3.43
CA PHE A 56 4.43 5.41 2.64
C PHE A 56 5.60 6.32 3.03
N GLN A 57 5.98 6.30 4.30
CA GLN A 57 7.08 7.12 4.79
C GLN A 57 8.39 6.62 4.18
N GLN A 58 8.55 5.30 4.20
CA GLN A 58 9.74 4.65 3.68
C GLN A 58 9.78 4.75 2.15
N SER A 59 8.60 4.81 1.54
CA SER A 59 8.50 4.92 0.10
C SER A 59 8.89 6.32 -0.37
N GLY A 60 8.95 7.26 0.57
CA GLY A 60 9.33 8.62 0.25
C GLY A 60 8.12 9.49 -0.04
N THR A 61 6.95 8.87 -0.05
CA THR A 61 5.71 9.57 -0.36
C THR A 61 5.20 10.34 0.84
N ALA A 62 5.94 11.39 1.22
CA ALA A 62 5.57 12.22 2.34
C ALA A 62 4.64 13.34 1.89
N ALA A 63 3.57 12.95 1.21
CA ALA A 63 2.59 13.89 0.69
C ALA A 63 1.19 13.43 1.03
N ASP A 64 0.43 14.32 1.66
CA ASP A 64 -0.95 14.04 2.07
C ASP A 64 -0.97 13.05 3.23
N GLU A 65 -1.76 13.36 4.26
CA GLU A 65 -1.80 12.56 5.47
C GLU A 65 -2.52 11.24 5.23
N SER B 1 -11.33 -2.65 -13.83
CA SER B 1 -10.11 -2.77 -14.65
C SER B 1 -8.84 -2.63 -13.81
N GLN B 2 -8.73 -1.53 -13.06
CA GLN B 2 -7.51 -1.24 -12.32
C GLN B 2 -7.34 -2.16 -11.12
N GLU B 3 -8.40 -2.85 -10.74
CA GLU B 3 -8.37 -3.78 -9.59
C GLU B 3 -7.25 -4.80 -9.73
N LYS B 4 -6.92 -5.19 -10.95
CA LYS B 4 -5.87 -6.16 -11.21
C LYS B 4 -4.50 -5.60 -10.78
N PHE B 5 -4.30 -4.31 -11.04
CA PHE B 5 -3.05 -3.63 -10.73
C PHE B 5 -2.84 -3.55 -9.22
N PHE B 6 -3.93 -3.54 -8.47
CA PHE B 6 -3.84 -3.42 -7.03
C PHE B 6 -3.71 -4.78 -6.36
N GLN B 7 -4.35 -5.79 -6.94
CA GLN B 7 -4.41 -7.10 -6.32
C GLN B 7 -3.24 -7.99 -6.75
N GLU B 8 -2.91 -7.99 -8.03
CA GLU B 8 -1.87 -8.89 -8.54
C GLU B 8 -0.50 -8.47 -8.04
N LEU B 9 -0.22 -7.17 -8.07
CA LEU B 9 1.09 -6.65 -7.69
C LEU B 9 1.29 -6.72 -6.18
N PHE B 10 0.27 -7.12 -5.45
CA PHE B 10 0.37 -7.22 -4.01
C PHE B 10 0.50 -8.68 -3.56
N ASP B 11 0.41 -9.60 -4.52
CA ASP B 11 0.47 -11.03 -4.18
C ASP B 11 1.80 -11.40 -3.55
N SER B 12 2.89 -11.25 -4.31
CA SER B 12 4.21 -11.57 -3.81
C SER B 12 5.28 -10.75 -4.51
N GLU A 9 -10.99 -10.08 6.40
CA GLU A 9 -10.23 -9.01 5.77
C GLU A 9 -8.73 -9.20 5.96
N ASN A 10 -8.36 -9.90 7.04
CA ASN A 10 -6.96 -10.15 7.36
C ASN A 10 -6.18 -8.84 7.48
N VAL A 11 -6.67 -7.93 8.32
CA VAL A 11 -5.98 -6.67 8.57
C VAL A 11 -4.93 -6.86 9.67
N LEU A 12 -4.65 -8.12 9.98
CA LEU A 12 -3.76 -8.47 11.08
C LEU A 12 -2.39 -7.83 10.89
N PRO A 13 -2.08 -6.82 11.73
CA PRO A 13 -0.82 -6.08 11.67
C PRO A 13 0.41 -6.99 11.66
N ARG A 14 1.03 -7.10 10.49
CA ARG A 14 2.23 -7.91 10.31
C ARG A 14 3.23 -7.15 9.46
N GLU A 15 4.45 -7.06 9.96
CA GLU A 15 5.52 -6.31 9.30
C GLU A 15 5.81 -6.74 7.86
N PRO A 16 5.71 -8.06 7.51
CA PRO A 16 5.82 -8.51 6.12
C PRO A 16 4.92 -7.74 5.16
N LEU A 17 3.79 -7.24 5.68
CA LEU A 17 2.85 -6.47 4.87
C LEU A 17 3.47 -5.15 4.44
N ILE A 18 4.36 -4.61 5.28
CA ILE A 18 5.06 -3.39 4.97
C ILE A 18 5.93 -3.59 3.73
N ALA A 19 6.60 -4.74 3.67
CA ALA A 19 7.47 -5.07 2.55
C ALA A 19 6.68 -5.21 1.26
N THR A 20 5.56 -5.93 1.33
CA THR A 20 4.69 -6.09 0.17
C THR A 20 4.15 -4.73 -0.29
N ALA A 21 3.77 -3.91 0.67
CA ALA A 21 3.24 -2.58 0.36
C ALA A 21 4.30 -1.73 -0.31
N VAL A 22 5.52 -1.74 0.20
CA VAL A 22 6.61 -0.97 -0.38
C VAL A 22 6.93 -1.49 -1.79
N LYS A 23 6.90 -2.81 -1.96
CA LYS A 23 7.09 -3.43 -3.27
C LYS A 23 6.07 -2.89 -4.25
N PHE A 24 4.82 -2.92 -3.83
CA PHE A 24 3.70 -2.42 -4.60
C PHE A 24 3.88 -0.93 -4.92
N LEU A 25 4.05 -0.15 -3.86
CA LEU A 25 4.18 1.31 -3.93
C LEU A 25 5.24 1.75 -4.93
N GLN A 26 6.46 1.28 -4.74
CA GLN A 26 7.58 1.77 -5.51
C GLN A 26 7.87 0.88 -6.72
N ASN A 27 6.82 0.29 -7.27
CA ASN A 27 6.94 -0.47 -8.50
C ASN A 27 7.21 0.48 -9.66
N SER A 28 6.26 1.36 -9.94
CA SER A 28 6.38 2.29 -11.05
C SER A 28 5.32 3.39 -10.98
N ARG A 29 4.07 3.01 -11.19
CA ARG A 29 2.98 3.97 -11.34
C ARG A 29 2.22 4.20 -10.04
N VAL A 30 2.41 3.32 -9.07
CA VAL A 30 1.60 3.32 -7.84
C VAL A 30 1.72 4.64 -7.06
N ARG A 31 2.94 5.16 -6.93
CA ARG A 31 3.13 6.39 -6.17
C ARG A 31 2.49 7.58 -6.87
N GLN A 32 2.23 7.44 -8.16
CA GLN A 32 1.57 8.50 -8.91
C GLN A 32 0.06 8.27 -8.93
N SER A 33 -0.35 7.06 -8.58
CA SER A 33 -1.75 6.70 -8.56
C SER A 33 -2.45 7.38 -7.38
N PRO A 34 -3.76 7.63 -7.51
CA PRO A 34 -4.56 8.30 -6.47
C PRO A 34 -4.27 7.78 -5.06
N LEU A 35 -3.92 8.70 -4.18
CA LEU A 35 -3.59 8.35 -2.81
C LEU A 35 -4.82 7.87 -2.07
N ALA A 36 -5.97 8.44 -2.42
CA ALA A 36 -7.24 8.02 -1.84
C ALA A 36 -7.46 6.53 -2.06
N THR A 37 -7.17 6.06 -3.27
CA THR A 37 -7.19 4.63 -3.55
C THR A 37 -6.29 3.89 -2.60
N ARG A 38 -5.05 4.33 -2.50
CA ARG A 38 -4.05 3.65 -1.69
C ARG A 38 -4.38 3.70 -0.20
N ARG A 39 -5.21 4.65 0.21
CA ARG A 39 -5.66 4.70 1.60
C ARG A 39 -6.53 3.49 1.90
N ALA A 40 -7.64 3.38 1.17
CA ALA A 40 -8.55 2.26 1.32
C ALA A 40 -7.82 0.96 1.01
N PHE A 41 -7.04 1.00 -0.05
CA PHE A 41 -6.22 -0.12 -0.49
C PHE A 41 -5.42 -0.70 0.67
N LEU A 42 -4.55 0.11 1.26
CA LEU A 42 -3.70 -0.35 2.35
C LEU A 42 -4.51 -1.00 3.48
N LYS A 43 -5.63 -0.39 3.83
CA LYS A 43 -6.49 -0.93 4.89
C LYS A 43 -7.11 -2.25 4.47
N LYS A 44 -7.46 -2.36 3.19
CA LYS A 44 -8.12 -3.55 2.68
C LYS A 44 -7.14 -4.69 2.44
N LYS A 45 -5.87 -4.35 2.25
CA LYS A 45 -4.87 -5.37 1.97
C LYS A 45 -4.43 -6.08 3.25
N GLY A 46 -4.51 -5.36 4.37
CA GLY A 46 -4.16 -5.95 5.64
C GLY A 46 -3.16 -5.13 6.42
N LEU A 47 -3.29 -3.81 6.35
CA LEU A 47 -2.41 -2.92 7.09
C LEU A 47 -3.24 -1.89 7.87
N THR A 48 -2.91 -1.72 9.14
CA THR A 48 -3.56 -0.73 9.96
C THR A 48 -2.99 0.65 9.68
N ASP A 49 -3.54 1.69 10.31
CA ASP A 49 -3.14 3.06 10.03
C ASP A 49 -1.64 3.28 10.29
N GLU A 50 -1.13 2.68 11.34
CA GLU A 50 0.29 2.81 11.67
C GLU A 50 1.16 2.18 10.58
N GLU A 51 0.65 1.10 9.98
CA GLU A 51 1.39 0.36 8.98
C GLU A 51 1.33 1.03 7.62
N ILE A 52 0.19 1.62 7.29
CA ILE A 52 0.04 2.29 6.01
C ILE A 52 0.99 3.47 5.89
N ASP A 53 1.12 4.28 6.94
CA ASP A 53 2.12 5.35 6.88
C ASP A 53 3.50 4.81 7.12
N MET A 54 3.62 3.63 7.71
CA MET A 54 4.94 3.02 7.84
C MET A 54 5.51 2.75 6.45
N ALA A 55 4.69 2.16 5.58
CA ALA A 55 5.10 1.85 4.22
C ALA A 55 5.18 3.13 3.38
N PHE A 56 4.22 4.03 3.56
CA PHE A 56 4.19 5.26 2.78
C PHE A 56 5.26 6.24 3.22
N GLN A 57 5.60 6.23 4.51
CA GLN A 57 6.62 7.12 5.03
C GLN A 57 7.98 6.76 4.43
N GLN A 58 8.28 5.46 4.47
CA GLN A 58 9.56 4.95 3.99
C GLN A 58 9.68 5.05 2.48
N SER A 59 8.55 4.93 1.78
CA SER A 59 8.56 4.98 0.32
C SER A 59 8.77 6.42 -0.18
N GLY A 60 8.72 7.37 0.75
CA GLY A 60 9.04 8.75 0.41
C GLY A 60 7.86 9.51 -0.17
N THR A 61 6.65 9.11 0.20
CA THR A 61 5.47 9.81 -0.26
C THR A 61 5.27 11.09 0.56
N ALA A 62 4.84 10.92 1.81
CA ALA A 62 4.70 12.04 2.75
C ALA A 62 3.86 13.18 2.17
N ALA A 63 2.77 12.82 1.51
CA ALA A 63 1.86 13.82 0.96
C ALA A 63 0.79 14.18 1.97
N ASP A 64 0.23 13.16 2.60
CA ASP A 64 -0.80 13.33 3.64
C ASP A 64 -0.89 12.06 4.48
N GLU A 65 -1.67 12.11 5.53
CA GLU A 65 -1.82 10.98 6.44
C GLU A 65 -3.08 10.18 6.12
N SER B 1 -6.46 -1.22 -16.60
CA SER B 1 -6.47 -2.36 -15.66
C SER B 1 -6.09 -1.91 -14.25
N GLN B 2 -6.89 -1.03 -13.68
CA GLN B 2 -6.63 -0.52 -12.34
C GLN B 2 -6.83 -1.63 -11.30
N GLU B 3 -7.98 -2.29 -11.36
CA GLU B 3 -8.32 -3.32 -10.38
C GLU B 3 -7.29 -4.45 -10.38
N LYS B 4 -6.91 -4.86 -11.59
CA LYS B 4 -5.94 -5.95 -11.77
C LYS B 4 -4.60 -5.59 -11.15
N PHE B 5 -4.29 -4.30 -11.14
CA PHE B 5 -3.03 -3.79 -10.58
C PHE B 5 -3.06 -3.85 -9.06
N PHE B 6 -4.23 -3.63 -8.49
CA PHE B 6 -4.37 -3.58 -7.03
C PHE B 6 -4.44 -4.97 -6.42
N GLN B 7 -4.80 -5.97 -7.23
CA GLN B 7 -4.90 -7.33 -6.74
C GLN B 7 -3.64 -8.14 -7.05
N GLU B 8 -3.35 -8.31 -8.33
CA GLU B 8 -2.31 -9.21 -8.79
C GLU B 8 -0.92 -8.77 -8.33
N LEU B 9 -0.69 -7.47 -8.29
CA LEU B 9 0.63 -6.95 -8.00
C LEU B 9 0.90 -6.96 -6.50
N PHE B 10 -0.10 -7.34 -5.72
CA PHE B 10 0.04 -7.37 -4.27
C PHE B 10 0.29 -8.80 -3.78
N ASP B 11 0.24 -9.75 -4.71
CA ASP B 11 0.42 -11.17 -4.37
C ASP B 11 1.76 -11.41 -3.66
N SER B 12 2.83 -10.95 -4.26
CA SER B 12 4.15 -11.14 -3.71
C SER B 12 5.09 -10.05 -4.21
N GLU A 9 -9.81 -9.11 5.48
CA GLU A 9 -8.39 -8.92 5.75
C GLU A 9 -8.01 -9.41 7.14
N ASN A 10 -8.80 -8.98 8.13
CA ASN A 10 -8.56 -9.29 9.54
C ASN A 10 -7.39 -8.47 10.06
N VAL A 11 -6.83 -7.65 9.17
CA VAL A 11 -5.79 -6.67 9.48
C VAL A 11 -4.73 -7.21 10.43
N LEU A 12 -3.81 -8.00 9.88
CA LEU A 12 -2.66 -8.48 10.65
C LEU A 12 -1.44 -7.61 10.38
N PRO A 13 -1.04 -6.79 11.38
CA PRO A 13 0.15 -5.93 11.26
C PRO A 13 1.42 -6.76 11.08
N ARG A 14 1.68 -7.13 9.84
CA ARG A 14 2.80 -7.98 9.50
C ARG A 14 3.92 -7.18 8.85
N GLU A 15 5.13 -7.42 9.32
CA GLU A 15 6.31 -6.71 8.85
C GLU A 15 6.62 -7.02 7.38
N PRO A 16 6.57 -8.30 6.94
CA PRO A 16 6.76 -8.65 5.52
C PRO A 16 5.68 -8.05 4.64
N LEU A 17 4.53 -7.75 5.23
CA LEU A 17 3.43 -7.14 4.48
C LEU A 17 3.76 -5.70 4.14
N ILE A 18 4.50 -5.05 5.03
CA ILE A 18 4.99 -3.70 4.76
C ILE A 18 5.91 -3.72 3.54
N ALA A 19 6.82 -4.70 3.51
CA ALA A 19 7.72 -4.88 2.38
C ALA A 19 6.94 -5.22 1.11
N THR A 20 5.79 -5.87 1.29
CA THR A 20 4.88 -6.16 0.19
C THR A 20 4.29 -4.86 -0.35
N ALA A 21 3.90 -3.97 0.55
CA ALA A 21 3.34 -2.67 0.17
C ALA A 21 4.37 -1.85 -0.59
N VAL A 22 5.59 -1.83 -0.09
CA VAL A 22 6.67 -1.11 -0.74
C VAL A 22 6.93 -1.68 -2.15
N LYS A 23 6.93 -3.01 -2.25
CA LYS A 23 7.05 -3.70 -3.54
C LYS A 23 5.98 -3.19 -4.50
N PHE A 24 4.75 -3.20 -4.03
CA PHE A 24 3.60 -2.72 -4.78
C PHE A 24 3.83 -1.28 -5.24
N LEU A 25 4.18 -0.43 -4.29
CA LEU A 25 4.35 1.00 -4.51
C LEU A 25 5.41 1.31 -5.57
N GLN A 26 6.59 0.73 -5.42
CA GLN A 26 7.76 1.15 -6.20
C GLN A 26 7.77 0.57 -7.62
N ASN A 27 6.60 0.41 -8.20
CA ASN A 27 6.48 0.09 -9.61
C ASN A 27 6.14 1.36 -10.39
N SER A 28 6.61 2.49 -9.84
CA SER A 28 6.48 3.81 -10.46
C SER A 28 5.04 4.32 -10.39
N ARG A 29 4.13 3.66 -11.09
CA ARG A 29 2.74 4.12 -11.19
C ARG A 29 2.09 4.25 -9.82
N VAL A 30 2.30 3.27 -8.96
CA VAL A 30 1.63 3.23 -7.67
C VAL A 30 2.00 4.45 -6.81
N ARG A 31 3.26 4.85 -6.84
CA ARG A 31 3.70 5.98 -6.03
C ARG A 31 3.13 7.29 -6.54
N GLN A 32 2.57 7.25 -7.74
CA GLN A 32 1.97 8.44 -8.34
C GLN A 32 0.46 8.25 -8.54
N SER A 33 -0.09 7.16 -7.99
CA SER A 33 -1.51 6.90 -8.11
C SER A 33 -2.27 7.59 -6.96
N PRO A 34 -3.56 7.89 -7.17
CA PRO A 34 -4.39 8.59 -6.17
C PRO A 34 -4.28 7.96 -4.78
N LEU A 35 -3.77 8.75 -3.84
CA LEU A 35 -3.65 8.32 -2.44
C LEU A 35 -5.01 7.95 -1.86
N ALA A 36 -6.06 8.57 -2.39
CA ALA A 36 -7.43 8.26 -1.95
C ALA A 36 -7.71 6.76 -2.06
N THR A 37 -7.27 6.17 -3.17
CA THR A 37 -7.40 4.74 -3.35
C THR A 37 -6.45 4.00 -2.41
N ARG A 38 -5.20 4.42 -2.42
CA ARG A 38 -4.15 3.71 -1.69
C ARG A 38 -4.38 3.70 -0.18
N ARG A 39 -5.13 4.68 0.34
CA ARG A 39 -5.48 4.70 1.76
C ARG A 39 -6.32 3.48 2.12
N ALA A 40 -7.49 3.36 1.49
CA ALA A 40 -8.38 2.24 1.75
C ALA A 40 -7.76 0.95 1.26
N PHE A 41 -6.99 1.06 0.18
CA PHE A 41 -6.27 -0.07 -0.38
C PHE A 41 -5.40 -0.75 0.67
N LEU A 42 -4.51 0.02 1.31
CA LEU A 42 -3.61 -0.55 2.31
C LEU A 42 -4.38 -1.19 3.46
N LYS A 43 -5.41 -0.49 3.94
CA LYS A 43 -6.22 -1.01 5.04
C LYS A 43 -6.84 -2.37 4.69
N LYS A 44 -7.37 -2.46 3.47
CA LYS A 44 -7.99 -3.70 3.00
C LYS A 44 -6.96 -4.79 2.74
N LYS A 45 -5.70 -4.39 2.55
CA LYS A 45 -4.63 -5.35 2.32
C LYS A 45 -4.26 -6.09 3.61
N GLY A 46 -4.59 -5.49 4.76
CA GLY A 46 -4.42 -6.18 6.02
C GLY A 46 -3.43 -5.53 6.96
N LEU A 47 -3.33 -4.21 6.92
CA LEU A 47 -2.47 -3.49 7.85
C LEU A 47 -3.16 -2.21 8.34
N THR A 48 -2.97 -1.90 9.62
CA THR A 48 -3.67 -0.81 10.28
C THR A 48 -3.23 0.55 9.78
N ASP A 49 -4.06 1.58 10.04
CA ASP A 49 -3.84 2.93 9.54
C ASP A 49 -2.42 3.42 9.82
N GLU A 50 -2.00 3.26 11.07
CA GLU A 50 -0.65 3.64 11.50
C GLU A 50 0.44 3.02 10.61
N GLU A 51 0.21 1.78 10.21
CA GLU A 51 1.19 1.03 9.44
C GLU A 51 1.16 1.45 7.98
N ILE A 52 0.02 1.95 7.52
CA ILE A 52 -0.09 2.39 6.13
C ILE A 52 0.78 3.61 5.91
N ASP A 53 0.83 4.52 6.90
CA ASP A 53 1.67 5.69 6.77
C ASP A 53 3.11 5.28 7.00
N MET A 54 3.32 4.24 7.78
CA MET A 54 4.67 3.72 8.00
C MET A 54 5.26 3.25 6.67
N ALA A 55 4.48 2.47 5.93
CA ALA A 55 4.90 1.97 4.63
C ALA A 55 5.04 3.10 3.63
N PHE A 56 4.04 3.97 3.58
CA PHE A 56 4.05 5.10 2.65
C PHE A 56 5.18 6.08 2.97
N GLN A 57 5.43 6.27 4.26
CA GLN A 57 6.51 7.13 4.72
C GLN A 57 7.83 6.61 4.19
N GLN A 58 8.06 5.33 4.49
CA GLN A 58 9.29 4.64 4.17
C GLN A 58 9.54 4.57 2.66
N SER A 59 8.47 4.44 1.89
CA SER A 59 8.59 4.28 0.45
C SER A 59 8.77 5.63 -0.26
N GLY A 60 8.67 6.71 0.50
CA GLY A 60 8.78 8.03 -0.08
C GLY A 60 7.66 8.33 -1.04
N THR A 61 6.43 8.31 -0.54
CA THR A 61 5.27 8.40 -1.41
C THR A 61 4.25 9.42 -0.90
N ALA A 62 4.58 10.07 0.20
CA ALA A 62 3.66 11.00 0.84
C ALA A 62 4.20 12.42 0.77
N ALA A 63 3.35 13.35 0.36
CA ALA A 63 3.70 14.77 0.36
C ALA A 63 4.03 15.21 1.77
N ASP A 64 3.28 14.66 2.70
CA ASP A 64 3.52 14.83 4.14
C ASP A 64 2.79 13.73 4.87
N GLU A 65 1.54 13.52 4.48
CA GLU A 65 0.74 12.40 4.95
C GLU A 65 0.30 11.57 3.75
N SER B 1 -4.75 -6.67 -16.67
CA SER B 1 -5.01 -5.22 -16.83
C SER B 1 -4.89 -4.51 -15.48
N GLN B 2 -5.51 -3.32 -15.38
CA GLN B 2 -5.38 -2.48 -14.19
C GLN B 2 -5.73 -3.21 -12.89
N GLU B 3 -6.79 -4.02 -12.93
CA GLU B 3 -7.25 -4.72 -11.74
C GLU B 3 -6.17 -5.67 -11.20
N LYS B 4 -5.69 -6.57 -12.05
CA LYS B 4 -4.64 -7.51 -11.66
C LYS B 4 -3.39 -6.79 -11.21
N PHE B 5 -3.11 -5.66 -11.82
CA PHE B 5 -1.91 -4.90 -11.48
C PHE B 5 -2.09 -4.15 -10.17
N PHE B 6 -3.32 -3.90 -9.78
CA PHE B 6 -3.55 -3.19 -8.53
C PHE B 6 -3.83 -4.16 -7.38
N GLN B 7 -4.46 -5.29 -7.68
CA GLN B 7 -4.82 -6.25 -6.66
C GLN B 7 -3.81 -7.39 -6.56
N GLU B 8 -3.47 -7.97 -7.71
CA GLU B 8 -2.66 -9.18 -7.74
C GLU B 8 -1.17 -8.85 -7.60
N LEU B 9 -0.78 -7.68 -8.10
CA LEU B 9 0.61 -7.23 -8.01
C LEU B 9 1.04 -7.15 -6.56
N PHE B 10 0.08 -6.84 -5.70
CA PHE B 10 0.35 -6.70 -4.29
C PHE B 10 0.79 -8.03 -3.68
N ASP B 11 -0.03 -9.06 -3.88
CA ASP B 11 0.20 -10.36 -3.23
C ASP B 11 1.63 -10.84 -3.42
N SER B 12 2.00 -11.13 -4.65
CA SER B 12 3.33 -11.63 -4.93
C SER B 12 3.88 -11.00 -6.20
N GLU A 9 -10.19 -6.92 12.61
CA GLU A 9 -9.93 -8.35 12.79
C GLU A 9 -9.01 -8.89 11.71
N ASN A 10 -8.98 -8.22 10.56
CA ASN A 10 -8.21 -8.69 9.41
C ASN A 10 -6.97 -7.84 9.17
N VAL A 11 -6.81 -6.78 9.96
CA VAL A 11 -5.64 -5.93 9.83
C VAL A 11 -4.53 -6.38 10.76
N LEU A 12 -3.62 -7.17 10.23
CA LEU A 12 -2.46 -7.59 10.99
C LEU A 12 -1.26 -6.72 10.62
N PRO A 13 -0.91 -5.76 11.48
CA PRO A 13 0.27 -4.90 11.28
C PRO A 13 1.57 -5.71 11.30
N ARG A 14 1.94 -6.23 10.14
CA ARG A 14 3.11 -7.09 10.03
C ARG A 14 4.04 -6.57 8.94
N GLU A 15 5.26 -7.08 8.93
CA GLU A 15 6.28 -6.60 7.99
C GLU A 15 6.09 -7.14 6.56
N PRO A 16 5.74 -8.43 6.35
CA PRO A 16 5.57 -9.01 5.01
C PRO A 16 4.68 -8.14 4.09
N LEU A 17 3.57 -7.65 4.62
CA LEU A 17 2.65 -6.85 3.81
C LEU A 17 3.17 -5.44 3.60
N ILE A 18 4.01 -4.95 4.53
CA ILE A 18 4.66 -3.66 4.36
C ILE A 18 5.63 -3.74 3.20
N ALA A 19 6.46 -4.78 3.20
CA ALA A 19 7.42 -5.00 2.13
C ALA A 19 6.70 -5.14 0.79
N THR A 20 5.55 -5.82 0.81
CA THR A 20 4.74 -5.98 -0.37
C THR A 20 4.19 -4.62 -0.84
N ALA A 21 3.77 -3.80 0.13
CA ALA A 21 3.23 -2.47 -0.18
C ALA A 21 4.31 -1.56 -0.74
N VAL A 22 5.52 -1.64 -0.21
CA VAL A 22 6.61 -0.81 -0.67
C VAL A 22 6.94 -1.10 -2.14
N LYS A 23 7.10 -2.39 -2.47
CA LYS A 23 7.38 -2.77 -3.85
C LYS A 23 6.18 -2.46 -4.73
N PHE A 24 4.99 -2.59 -4.16
CA PHE A 24 3.76 -2.28 -4.86
C PHE A 24 3.77 -0.83 -5.32
N LEU A 25 4.01 0.05 -4.38
CA LEU A 25 4.02 1.50 -4.62
C LEU A 25 5.04 1.89 -5.68
N GLN A 26 6.26 1.42 -5.53
CA GLN A 26 7.36 1.85 -6.39
C GLN A 26 7.53 0.95 -7.60
N ASN A 27 6.59 0.03 -7.79
CA ASN A 27 6.68 -0.92 -8.90
C ASN A 27 6.67 -0.19 -10.23
N SER A 28 5.76 0.77 -10.39
CA SER A 28 5.62 1.48 -11.65
C SER A 28 4.98 2.85 -11.45
N ARG A 29 3.72 2.87 -11.05
CA ARG A 29 2.97 4.11 -11.03
C ARG A 29 2.20 4.32 -9.72
N VAL A 30 2.16 3.30 -8.86
CA VAL A 30 1.32 3.35 -7.66
C VAL A 30 1.68 4.54 -6.76
N ARG A 31 2.96 4.84 -6.62
CA ARG A 31 3.38 5.95 -5.78
C ARG A 31 2.91 7.28 -6.38
N GLN A 32 2.63 7.27 -7.68
CA GLN A 32 2.09 8.44 -8.36
C GLN A 32 0.57 8.34 -8.47
N SER A 33 0.01 7.21 -8.07
CA SER A 33 -1.42 6.96 -8.19
C SER A 33 -2.19 7.59 -7.02
N PRO A 34 -3.49 7.86 -7.23
CA PRO A 34 -4.37 8.46 -6.22
C PRO A 34 -4.24 7.83 -4.84
N LEU A 35 -3.99 8.68 -3.86
CA LEU A 35 -3.84 8.25 -2.47
C LEU A 35 -5.16 7.71 -1.94
N ALA A 36 -6.26 8.16 -2.54
CA ALA A 36 -7.59 7.68 -2.18
C ALA A 36 -7.67 6.16 -2.36
N THR A 37 -7.14 5.67 -3.47
CA THR A 37 -7.08 4.24 -3.71
C THR A 37 -6.18 3.56 -2.70
N ARG A 38 -4.97 4.11 -2.54
CA ARG A 38 -3.95 3.47 -1.73
C ARG A 38 -4.32 3.42 -0.25
N ARG A 39 -5.08 4.41 0.21
CA ARG A 39 -5.51 4.46 1.60
C ARG A 39 -6.46 3.31 1.92
N ALA A 40 -7.51 3.18 1.12
CA ALA A 40 -8.44 2.07 1.28
C ALA A 40 -7.73 0.76 1.02
N PHE A 41 -6.86 0.76 0.01
CA PHE A 41 -6.05 -0.38 -0.37
C PHE A 41 -5.29 -0.95 0.83
N LEU A 42 -4.32 -0.21 1.35
CA LEU A 42 -3.48 -0.71 2.44
C LEU A 42 -4.32 -1.13 3.65
N LYS A 43 -5.40 -0.40 3.93
CA LYS A 43 -6.27 -0.76 5.04
C LYS A 43 -6.99 -2.08 4.78
N LYS A 44 -7.34 -2.32 3.51
CA LYS A 44 -7.96 -3.57 3.11
C LYS A 44 -6.95 -4.70 3.00
N LYS A 45 -5.69 -4.34 2.80
CA LYS A 45 -4.63 -5.32 2.66
C LYS A 45 -4.24 -5.88 4.01
N GLY A 46 -4.66 -5.20 5.08
CA GLY A 46 -4.41 -5.69 6.41
C GLY A 46 -3.52 -4.78 7.22
N LEU A 47 -3.46 -3.50 6.84
CA LEU A 47 -2.67 -2.53 7.58
C LEU A 47 -3.57 -1.59 8.36
N THR A 48 -3.14 -1.25 9.57
CA THR A 48 -3.81 -0.23 10.36
C THR A 48 -3.29 1.15 9.97
N ASP A 49 -3.88 2.20 10.51
CA ASP A 49 -3.47 3.56 10.16
C ASP A 49 -2.00 3.81 10.51
N GLU A 50 -1.57 3.32 11.66
CA GLU A 50 -0.17 3.46 12.05
C GLU A 50 0.75 2.79 11.02
N GLU A 51 0.32 1.63 10.53
CA GLU A 51 1.13 0.84 9.64
C GLU A 51 1.08 1.39 8.21
N ILE A 52 -0.03 2.04 7.85
CA ILE A 52 -0.17 2.56 6.49
C ILE A 52 0.78 3.73 6.27
N ASP A 53 0.95 4.61 7.27
CA ASP A 53 1.93 5.67 7.13
C ASP A 53 3.30 5.04 7.14
N MET A 54 3.51 4.05 8.00
CA MET A 54 4.80 3.39 8.12
C MET A 54 5.28 2.84 6.77
N ALA A 55 4.36 2.23 6.04
CA ALA A 55 4.67 1.67 4.73
C ALA A 55 4.93 2.79 3.72
N PHE A 56 4.08 3.82 3.73
CA PHE A 56 4.22 4.95 2.81
C PHE A 56 5.44 5.80 3.14
N GLN A 57 5.82 5.82 4.41
CA GLN A 57 6.99 6.57 4.86
C GLN A 57 8.24 5.98 4.22
N GLN A 58 8.39 4.67 4.36
CA GLN A 58 9.55 3.97 3.82
C GLN A 58 9.51 3.96 2.29
N SER A 59 8.30 4.01 1.73
CA SER A 59 8.14 4.00 0.28
C SER A 59 8.50 5.36 -0.33
N GLY A 60 8.69 6.35 0.53
CA GLY A 60 9.11 7.67 0.08
C GLY A 60 8.03 8.38 -0.72
N THR A 61 6.80 8.30 -0.25
CA THR A 61 5.69 8.93 -0.94
C THR A 61 5.69 10.44 -0.69
N ALA A 62 5.47 10.81 0.58
CA ALA A 62 5.57 12.19 1.04
C ALA A 62 4.74 13.15 0.17
N ALA A 63 3.44 12.91 0.12
CA ALA A 63 2.53 13.78 -0.61
C ALA A 63 1.39 14.22 0.31
N ASP A 64 0.64 13.25 0.79
CA ASP A 64 -0.40 13.48 1.78
C ASP A 64 -0.32 12.38 2.82
N GLU A 65 -0.62 12.71 4.07
CA GLU A 65 -0.47 11.79 5.17
C GLU A 65 -1.49 10.66 5.05
N SER B 1 -7.41 -5.48 -17.33
CA SER B 1 -5.94 -5.41 -17.44
C SER B 1 -5.33 -4.66 -16.25
N GLN B 2 -5.51 -3.35 -16.24
CA GLN B 2 -4.85 -2.49 -15.27
C GLN B 2 -5.46 -2.66 -13.87
N GLU B 3 -6.66 -3.20 -13.81
CA GLU B 3 -7.30 -3.50 -12.54
C GLU B 3 -6.45 -4.49 -11.73
N LYS B 4 -5.75 -5.38 -12.43
CA LYS B 4 -4.93 -6.38 -11.77
C LYS B 4 -3.63 -5.77 -11.21
N PHE B 5 -3.36 -4.52 -11.56
CA PHE B 5 -2.14 -3.86 -11.12
C PHE B 5 -2.19 -3.62 -9.62
N PHE B 6 -3.40 -3.48 -9.08
CA PHE B 6 -3.58 -3.31 -7.65
C PHE B 6 -3.68 -4.67 -6.95
N GLN B 7 -4.08 -5.68 -7.71
CA GLN B 7 -4.34 -6.99 -7.13
C GLN B 7 -3.10 -7.89 -7.20
N GLU B 8 -2.71 -8.22 -8.42
CA GLU B 8 -1.67 -9.21 -8.66
C GLU B 8 -0.32 -8.77 -8.10
N LEU B 9 -0.15 -7.47 -7.91
CA LEU B 9 1.10 -6.95 -7.39
C LEU B 9 1.14 -7.03 -5.87
N PHE B 10 0.02 -7.33 -5.24
CA PHE B 10 0.02 -7.43 -3.79
C PHE B 10 0.07 -8.89 -3.35
N ASP B 11 -0.15 -9.79 -4.29
CA ASP B 11 0.01 -11.22 -4.01
C ASP B 11 1.50 -11.52 -3.86
N SER B 12 2.20 -11.49 -4.99
CA SER B 12 3.66 -11.62 -5.01
C SER B 12 4.19 -11.15 -6.36
N GLU A 9 -9.95 -5.92 13.43
CA GLU A 9 -11.18 -5.41 12.84
C GLU A 9 -11.14 -5.50 11.32
N ASN A 10 -9.94 -5.37 10.77
CA ASN A 10 -9.72 -5.35 9.34
C ASN A 10 -8.24 -5.10 9.07
N VAL A 11 -7.66 -4.23 9.88
CA VAL A 11 -6.25 -3.89 9.75
C VAL A 11 -5.40 -4.94 10.48
N LEU A 12 -4.55 -5.61 9.73
CA LEU A 12 -3.68 -6.62 10.28
C LEU A 12 -2.28 -6.06 10.49
N PRO A 13 -1.87 -5.86 11.75
CA PRO A 13 -0.55 -5.34 12.10
C PRO A 13 0.56 -6.36 11.81
N ARG A 14 1.13 -6.28 10.61
CA ARG A 14 2.17 -7.20 10.18
C ARG A 14 3.21 -6.48 9.32
N GLU A 15 4.47 -6.54 9.73
CA GLU A 15 5.56 -5.87 9.01
C GLU A 15 5.79 -6.50 7.62
N PRO A 16 5.75 -7.84 7.48
CA PRO A 16 5.89 -8.50 6.17
C PRO A 16 4.90 -7.95 5.14
N LEU A 17 3.69 -7.61 5.60
CA LEU A 17 2.67 -7.07 4.72
C LEU A 17 2.98 -5.61 4.37
N ILE A 18 3.65 -4.92 5.29
CA ILE A 18 4.15 -3.58 5.01
C ILE A 18 5.11 -3.63 3.84
N ALA A 19 5.96 -4.66 3.82
CA ALA A 19 6.89 -4.88 2.72
C ALA A 19 6.14 -5.13 1.43
N THR A 20 5.05 -5.90 1.52
CA THR A 20 4.17 -6.15 0.40
C THR A 20 3.61 -4.84 -0.14
N ALA A 21 3.25 -3.95 0.77
CA ALA A 21 2.72 -2.65 0.41
C ALA A 21 3.80 -1.79 -0.25
N VAL A 22 4.99 -1.78 0.34
CA VAL A 22 6.09 -0.95 -0.17
C VAL A 22 6.49 -1.36 -1.58
N LYS A 23 6.63 -2.66 -1.84
CA LYS A 23 7.00 -3.15 -3.17
C LYS A 23 5.89 -2.84 -4.17
N PHE A 24 4.67 -2.80 -3.67
CA PHE A 24 3.53 -2.39 -4.46
C PHE A 24 3.69 -0.92 -4.83
N LEU A 25 3.80 -0.10 -3.78
CA LEU A 25 3.93 1.35 -3.89
C LEU A 25 5.03 1.76 -4.86
N GLN A 26 6.24 1.28 -4.61
CA GLN A 26 7.40 1.70 -5.39
C GLN A 26 7.55 0.92 -6.68
N ASN A 27 6.42 0.56 -7.28
CA ASN A 27 6.43 0.07 -8.65
C ASN A 27 6.17 1.24 -9.59
N SER A 28 6.54 2.43 -9.09
CA SER A 28 6.43 3.69 -9.84
C SER A 28 4.97 4.16 -9.95
N ARG A 29 4.16 3.36 -10.63
CA ARG A 29 2.80 3.76 -10.98
C ARG A 29 1.92 3.89 -9.74
N VAL A 30 2.30 3.23 -8.65
CA VAL A 30 1.50 3.30 -7.42
C VAL A 30 1.80 4.58 -6.64
N ARG A 31 3.05 5.01 -6.63
CA ARG A 31 3.39 6.27 -5.96
C ARG A 31 2.73 7.44 -6.69
N GLN A 32 2.42 7.21 -7.97
CA GLN A 32 1.69 8.19 -8.78
C GLN A 32 0.20 7.83 -8.86
N SER A 33 -0.21 6.85 -8.06
CA SER A 33 -1.60 6.45 -7.98
C SER A 33 -2.29 7.23 -6.88
N PRO A 34 -3.55 7.63 -7.11
CA PRO A 34 -4.34 8.43 -6.15
C PRO A 34 -4.31 7.86 -4.74
N LEU A 35 -3.98 8.71 -3.78
CA LEU A 35 -3.86 8.31 -2.38
C LEU A 35 -5.20 7.79 -1.86
N ALA A 36 -6.29 8.32 -2.42
CA ALA A 36 -7.63 7.87 -2.08
C ALA A 36 -7.73 6.36 -2.20
N THR A 37 -7.22 5.82 -3.30
CA THR A 37 -7.19 4.38 -3.49
C THR A 37 -6.19 3.73 -2.55
N ARG A 38 -4.96 4.23 -2.58
CA ARG A 38 -3.84 3.59 -1.88
C ARG A 38 -4.12 3.42 -0.40
N ARG A 39 -4.67 4.45 0.24
CA ARG A 39 -4.90 4.41 1.68
C ARG A 39 -5.90 3.31 2.04
N ALA A 40 -7.08 3.35 1.42
CA ALA A 40 -8.10 2.33 1.66
C ALA A 40 -7.56 0.96 1.27
N PHE A 41 -6.89 0.91 0.12
CA PHE A 41 -6.28 -0.30 -0.41
C PHE A 41 -5.42 -1.00 0.64
N LEU A 42 -4.43 -0.29 1.18
CA LEU A 42 -3.52 -0.87 2.15
C LEU A 42 -4.27 -1.41 3.36
N LYS A 43 -5.23 -0.66 3.87
CA LYS A 43 -6.03 -1.10 5.01
C LYS A 43 -6.79 -2.37 4.68
N LYS A 44 -7.44 -2.39 3.53
CA LYS A 44 -8.31 -3.48 3.14
C LYS A 44 -7.52 -4.74 2.79
N LYS A 45 -6.28 -4.57 2.41
CA LYS A 45 -5.41 -5.70 2.11
C LYS A 45 -4.98 -6.39 3.39
N GLY A 46 -5.08 -5.67 4.50
CA GLY A 46 -4.75 -6.22 5.79
C GLY A 46 -3.59 -5.51 6.45
N LEU A 47 -3.68 -4.19 6.54
CA LEU A 47 -2.62 -3.40 7.13
C LEU A 47 -3.21 -2.24 7.93
N THR A 48 -2.61 -1.94 9.08
CA THR A 48 -3.12 -0.88 9.94
C THR A 48 -2.75 0.48 9.38
N ASP A 49 -3.51 1.51 9.77
CA ASP A 49 -3.27 2.85 9.26
C ASP A 49 -1.88 3.35 9.62
N GLU A 50 -1.47 3.16 10.86
CA GLU A 50 -0.13 3.55 11.30
C GLU A 50 0.95 2.96 10.39
N GLU A 51 0.70 1.73 9.96
CA GLU A 51 1.67 0.98 9.19
C GLU A 51 1.68 1.43 7.74
N ILE A 52 0.55 1.95 7.25
CA ILE A 52 0.50 2.45 5.88
C ILE A 52 1.31 3.72 5.77
N ASP A 53 1.32 4.56 6.83
CA ASP A 53 2.15 5.75 6.80
C ASP A 53 3.60 5.34 6.84
N MET A 54 3.88 4.23 7.51
CA MET A 54 5.24 3.71 7.56
C MET A 54 5.68 3.24 6.18
N ALA A 55 4.79 2.55 5.49
CA ALA A 55 5.05 2.10 4.13
C ALA A 55 5.25 3.29 3.20
N PHE A 56 4.35 4.26 3.30
CA PHE A 56 4.45 5.49 2.53
C PHE A 56 5.67 6.31 2.95
N GLN A 57 6.02 6.21 4.23
CA GLN A 57 7.14 6.93 4.79
C GLN A 57 8.44 6.45 4.15
N GLN A 58 8.61 5.13 4.14
CA GLN A 58 9.79 4.49 3.59
C GLN A 58 9.86 4.68 2.08
N SER A 59 8.70 4.77 1.45
CA SER A 59 8.62 4.93 0.00
C SER A 59 8.78 6.39 -0.41
N GLY A 60 9.11 7.24 0.57
CA GLY A 60 9.31 8.66 0.30
C GLY A 60 8.06 9.33 -0.22
N THR A 61 6.91 8.90 0.30
CA THR A 61 5.63 9.37 -0.19
C THR A 61 4.73 9.81 0.96
N ALA A 62 5.32 10.49 1.93
CA ALA A 62 4.58 10.99 3.07
C ALA A 62 3.88 12.30 2.73
N ALA A 63 3.10 12.28 1.65
CA ALA A 63 2.35 13.44 1.23
C ALA A 63 1.04 13.50 1.99
N ASP A 64 0.89 14.53 2.81
CA ASP A 64 -0.26 14.68 3.70
C ASP A 64 -0.23 13.54 4.72
N GLU A 65 -1.36 13.24 5.33
CA GLU A 65 -1.44 12.17 6.29
C GLU A 65 -2.26 11.03 5.72
N SER B 1 -9.71 -2.40 -16.58
CA SER B 1 -9.65 -3.09 -15.28
C SER B 1 -8.55 -2.48 -14.40
N GLN B 2 -8.95 -1.98 -13.24
CA GLN B 2 -8.02 -1.34 -12.32
C GLN B 2 -7.55 -2.32 -11.26
N GLU B 3 -8.47 -3.14 -10.77
CA GLU B 3 -8.23 -3.98 -9.61
C GLU B 3 -7.09 -4.98 -9.81
N LYS B 4 -6.85 -5.42 -11.04
CA LYS B 4 -5.77 -6.38 -11.28
C LYS B 4 -4.41 -5.79 -10.89
N PHE B 5 -4.25 -4.49 -11.05
CA PHE B 5 -2.99 -3.83 -10.69
C PHE B 5 -2.90 -3.68 -9.18
N PHE B 6 -4.03 -3.81 -8.50
CA PHE B 6 -4.05 -3.75 -7.06
C PHE B 6 -4.00 -5.16 -6.47
N GLN B 7 -4.32 -6.16 -7.28
CA GLN B 7 -4.27 -7.54 -6.84
C GLN B 7 -2.97 -8.21 -7.28
N GLU B 8 -2.76 -8.31 -8.58
CA GLU B 8 -1.61 -9.02 -9.15
C GLU B 8 -0.31 -8.42 -8.62
N LEU B 9 -0.22 -7.10 -8.68
CA LEU B 9 0.99 -6.38 -8.30
C LEU B 9 1.19 -6.44 -6.79
N PHE B 10 0.12 -6.67 -6.04
CA PHE B 10 0.22 -6.70 -4.58
C PHE B 10 0.44 -8.12 -4.07
N ASP B 11 -0.28 -9.07 -4.64
CA ASP B 11 -0.22 -10.46 -4.18
C ASP B 11 1.20 -11.00 -4.26
N SER B 12 1.90 -10.71 -5.36
CA SER B 12 3.29 -11.10 -5.51
C SER B 12 3.99 -10.20 -6.52
N GLU A 9 -12.70 -7.73 9.14
CA GLU A 9 -13.08 -6.64 8.25
C GLU A 9 -11.86 -6.11 7.48
N ASN A 10 -10.93 -5.54 8.23
CA ASN A 10 -9.67 -5.03 7.71
C ASN A 10 -8.85 -4.51 8.88
N VAL A 11 -7.74 -3.84 8.58
CA VAL A 11 -6.85 -3.31 9.62
C VAL A 11 -6.31 -4.47 10.48
N LEU A 12 -5.70 -5.43 9.83
CA LEU A 12 -5.01 -6.50 10.52
C LEU A 12 -3.52 -6.17 10.51
N PRO A 13 -2.93 -5.86 11.67
CA PRO A 13 -1.52 -5.50 11.80
C PRO A 13 -0.59 -6.60 11.25
N ARG A 14 -0.13 -6.42 10.02
CA ARG A 14 0.69 -7.41 9.34
C ARG A 14 1.96 -6.76 8.79
N GLU A 15 3.04 -6.85 9.55
CA GLU A 15 4.32 -6.25 9.15
C GLU A 15 4.82 -6.77 7.79
N PRO A 16 4.73 -8.09 7.49
CA PRO A 16 5.12 -8.63 6.18
C PRO A 16 4.43 -7.90 5.02
N LEU A 17 3.24 -7.39 5.27
CA LEU A 17 2.47 -6.70 4.25
C LEU A 17 3.09 -5.35 3.94
N ILE A 18 3.87 -4.82 4.87
CA ILE A 18 4.59 -3.57 4.65
C ILE A 18 5.51 -3.68 3.44
N ALA A 19 6.26 -4.78 3.38
CA ALA A 19 7.17 -5.02 2.27
C ALA A 19 6.38 -5.15 0.97
N THR A 20 5.29 -5.90 1.03
CA THR A 20 4.40 -6.05 -0.10
C THR A 20 3.87 -4.69 -0.56
N ALA A 21 3.60 -3.81 0.40
CA ALA A 21 3.08 -2.48 0.10
C ALA A 21 4.12 -1.62 -0.59
N VAL A 22 5.33 -1.58 -0.03
CA VAL A 22 6.38 -0.74 -0.59
C VAL A 22 6.71 -1.11 -2.04
N LYS A 23 6.83 -2.41 -2.30
CA LYS A 23 7.12 -2.88 -3.66
C LYS A 23 5.93 -2.65 -4.57
N PHE A 24 4.75 -2.55 -3.98
CA PHE A 24 3.56 -2.21 -4.71
C PHE A 24 3.62 -0.74 -5.13
N LEU A 25 3.82 0.12 -4.13
CA LEU A 25 3.84 1.56 -4.32
C LEU A 25 4.87 1.97 -5.36
N GLN A 26 6.11 1.57 -5.12
CA GLN A 26 7.20 2.00 -5.98
C GLN A 26 7.49 0.96 -7.06
N ASN A 27 6.46 0.21 -7.43
CA ASN A 27 6.59 -0.72 -8.54
C ASN A 27 6.73 0.08 -9.83
N SER A 28 5.82 1.02 -10.03
CA SER A 28 5.88 1.91 -11.18
C SER A 28 4.82 3.01 -11.09
N ARG A 29 3.55 2.62 -11.19
CA ARG A 29 2.47 3.58 -11.34
C ARG A 29 1.80 3.94 -10.02
N VAL A 30 1.94 3.11 -9.00
CA VAL A 30 1.23 3.33 -7.73
C VAL A 30 1.69 4.63 -7.06
N ARG A 31 2.97 4.95 -7.20
CA ARG A 31 3.50 6.21 -6.68
C ARG A 31 2.77 7.40 -7.32
N GLN A 32 2.30 7.20 -8.54
CA GLN A 32 1.63 8.25 -9.30
C GLN A 32 0.11 8.09 -9.20
N SER A 33 -0.33 7.00 -8.57
CA SER A 33 -1.74 6.72 -8.39
C SER A 33 -2.30 7.52 -7.21
N PRO A 34 -3.56 7.93 -7.29
CA PRO A 34 -4.23 8.73 -6.26
C PRO A 34 -4.10 8.10 -4.87
N LEU A 35 -3.76 8.94 -3.91
CA LEU A 35 -3.51 8.49 -2.54
C LEU A 35 -4.76 7.91 -1.91
N ALA A 36 -5.92 8.39 -2.35
CA ALA A 36 -7.20 7.90 -1.84
C ALA A 36 -7.31 6.39 -2.01
N THR A 37 -7.06 5.92 -3.23
CA THR A 37 -7.01 4.50 -3.51
C THR A 37 -5.99 3.81 -2.63
N ARG A 38 -4.74 4.28 -2.70
CA ARG A 38 -3.62 3.58 -2.07
C ARG A 38 -3.84 3.36 -0.57
N ARG A 39 -4.33 4.38 0.13
CA ARG A 39 -4.47 4.30 1.57
C ARG A 39 -5.55 3.30 1.98
N ALA A 40 -6.72 3.39 1.37
CA ALA A 40 -7.80 2.45 1.63
C ALA A 40 -7.39 1.05 1.18
N PHE A 41 -6.69 1.02 0.05
CA PHE A 41 -6.18 -0.20 -0.55
C PHE A 41 -5.45 -1.10 0.45
N LEU A 42 -4.30 -0.64 0.94
CA LEU A 42 -3.48 -1.48 1.81
C LEU A 42 -4.14 -1.72 3.16
N LYS A 43 -4.95 -0.77 3.64
CA LYS A 43 -5.73 -0.99 4.86
C LYS A 43 -6.65 -2.19 4.69
N LYS A 44 -7.28 -2.28 3.52
CA LYS A 44 -8.21 -3.35 3.20
C LYS A 44 -7.48 -4.67 2.93
N LYS A 45 -6.26 -4.57 2.40
CA LYS A 45 -5.44 -5.74 2.15
C LYS A 45 -5.10 -6.41 3.47
N GLY A 46 -5.06 -5.61 4.53
CA GLY A 46 -4.75 -6.11 5.85
C GLY A 46 -3.64 -5.31 6.49
N LEU A 47 -3.91 -4.04 6.76
CA LEU A 47 -2.91 -3.15 7.35
C LEU A 47 -3.58 -2.07 8.19
N THR A 48 -2.92 -1.71 9.28
CA THR A 48 -3.44 -0.70 10.21
C THR A 48 -3.00 0.69 9.78
N ASP A 49 -3.62 1.71 10.36
CA ASP A 49 -3.29 3.11 10.08
C ASP A 49 -1.79 3.37 10.19
N GLU A 50 -1.24 3.09 11.36
CA GLU A 50 0.17 3.33 11.66
C GLU A 50 1.09 2.59 10.69
N GLU A 51 0.60 1.48 10.16
CA GLU A 51 1.39 0.67 9.26
C GLU A 51 1.36 1.27 7.85
N ILE A 52 0.30 1.97 7.51
CA ILE A 52 0.23 2.58 6.19
C ILE A 52 1.22 3.73 6.10
N ASP A 53 1.43 4.44 7.21
CA ASP A 53 2.48 5.46 7.23
C ASP A 53 3.83 4.81 7.37
N MET A 54 3.89 3.64 7.96
CA MET A 54 5.14 2.91 7.99
C MET A 54 5.63 2.72 6.56
N ALA A 55 4.73 2.21 5.73
CA ALA A 55 5.04 1.99 4.32
C ALA A 55 5.22 3.32 3.58
N PHE A 56 4.20 4.18 3.61
CA PHE A 56 4.21 5.42 2.82
C PHE A 56 5.28 6.41 3.27
N GLN A 57 5.51 6.51 4.58
CA GLN A 57 6.49 7.46 5.09
C GLN A 57 7.89 7.05 4.65
N GLN A 58 8.20 5.76 4.78
CA GLN A 58 9.52 5.27 4.38
C GLN A 58 9.62 5.13 2.87
N SER A 59 8.49 5.03 2.19
CA SER A 59 8.45 4.97 0.74
C SER A 59 8.62 6.36 0.14
N GLY A 60 8.45 7.38 0.97
CA GLY A 60 8.65 8.76 0.54
C GLY A 60 7.46 9.30 -0.22
N THR A 61 6.27 8.80 0.09
CA THR A 61 5.07 9.25 -0.59
C THR A 61 3.88 9.24 0.38
N ALA A 62 4.10 9.82 1.55
CA ALA A 62 3.05 9.92 2.56
C ALA A 62 2.29 11.23 2.40
N ALA A 63 2.98 12.21 1.83
CA ALA A 63 2.42 13.54 1.53
C ALA A 63 2.17 14.35 2.80
N ASP A 64 1.12 14.01 3.53
CA ASP A 64 0.76 14.76 4.73
C ASP A 64 0.66 13.85 5.94
N GLU A 65 -0.55 13.38 6.20
CA GLU A 65 -0.82 12.52 7.34
C GLU A 65 -1.52 11.23 6.92
N SER B 1 -5.66 -3.63 -17.83
CA SER B 1 -4.83 -4.35 -16.83
C SER B 1 -4.68 -3.51 -15.57
N GLN B 2 -5.77 -2.86 -15.17
CA GLN B 2 -5.75 -1.95 -14.04
C GLN B 2 -5.92 -2.70 -12.72
N GLU B 3 -6.91 -3.56 -12.66
CA GLU B 3 -7.19 -4.30 -11.44
C GLU B 3 -6.16 -5.41 -11.24
N LYS B 4 -5.65 -5.95 -12.33
CA LYS B 4 -4.53 -6.89 -12.29
C LYS B 4 -3.36 -6.27 -11.53
N PHE B 5 -3.17 -4.98 -11.74
CA PHE B 5 -2.05 -4.25 -11.15
C PHE B 5 -2.23 -4.12 -9.65
N PHE B 6 -3.45 -3.82 -9.21
CA PHE B 6 -3.74 -3.65 -7.79
C PHE B 6 -3.81 -4.99 -7.05
N GLN B 7 -4.37 -5.99 -7.69
CA GLN B 7 -4.62 -7.26 -7.02
C GLN B 7 -3.40 -8.17 -7.07
N GLU B 8 -2.94 -8.50 -8.27
CA GLU B 8 -1.89 -9.51 -8.45
C GLU B 8 -0.59 -9.10 -7.78
N LEU B 9 -0.13 -7.87 -8.04
CA LEU B 9 1.14 -7.40 -7.50
C LEU B 9 1.15 -7.47 -5.98
N PHE B 10 0.01 -7.23 -5.37
CA PHE B 10 -0.07 -7.14 -3.92
C PHE B 10 -0.41 -8.50 -3.32
N ASP B 11 -0.70 -9.49 -4.16
CA ASP B 11 -1.07 -10.80 -3.66
C ASP B 11 0.15 -11.54 -3.12
N SER B 12 1.32 -11.15 -3.59
CA SER B 12 2.58 -11.71 -3.11
C SER B 12 3.68 -10.68 -3.24
N GLU A 9 -12.79 -6.36 10.46
CA GLU A 9 -11.55 -6.71 11.14
C GLU A 9 -10.46 -7.03 10.13
N ASN A 10 -10.80 -6.94 8.84
CA ASN A 10 -9.83 -7.20 7.79
C ASN A 10 -8.93 -5.97 7.61
N VAL A 11 -8.29 -5.58 8.70
CA VAL A 11 -7.32 -4.50 8.69
C VAL A 11 -6.08 -4.95 9.45
N LEU A 12 -6.07 -6.22 9.83
CA LEU A 12 -5.02 -6.79 10.68
C LEU A 12 -3.65 -6.62 10.06
N PRO A 13 -2.83 -5.75 10.65
CA PRO A 13 -1.46 -5.48 10.18
C PRO A 13 -0.55 -6.69 10.34
N ARG A 14 0.18 -7.01 9.30
CA ARG A 14 1.11 -8.13 9.33
C ARG A 14 2.53 -7.65 9.06
N GLU A 15 3.52 -8.45 9.43
CA GLU A 15 4.91 -8.03 9.34
C GLU A 15 5.37 -7.84 7.87
N PRO A 16 5.22 -8.87 7.00
CA PRO A 16 5.71 -8.79 5.62
C PRO A 16 4.79 -8.00 4.71
N LEU A 17 3.56 -7.79 5.17
CA LEU A 17 2.56 -7.12 4.36
C LEU A 17 2.94 -5.67 4.11
N ILE A 18 3.66 -5.09 5.07
CA ILE A 18 4.20 -3.74 4.91
C ILE A 18 5.22 -3.71 3.77
N ALA A 19 6.01 -4.77 3.68
CA ALA A 19 7.01 -4.89 2.63
C ALA A 19 6.35 -5.11 1.28
N THR A 20 5.28 -5.91 1.27
CA THR A 20 4.50 -6.12 0.07
C THR A 20 3.90 -4.79 -0.40
N ALA A 21 3.45 -3.98 0.56
CA ALA A 21 2.87 -2.69 0.26
C ALA A 21 3.91 -1.73 -0.30
N VAL A 22 5.06 -1.62 0.36
CA VAL A 22 6.10 -0.70 -0.10
C VAL A 22 6.62 -1.12 -1.48
N LYS A 23 6.69 -2.44 -1.71
CA LYS A 23 7.03 -2.95 -3.04
C LYS A 23 6.00 -2.46 -4.04
N PHE A 24 4.74 -2.68 -3.71
CA PHE A 24 3.62 -2.26 -4.53
C PHE A 24 3.75 -0.80 -4.90
N LEU A 25 3.92 0.03 -3.89
CA LEU A 25 3.98 1.48 -4.05
C LEU A 25 5.12 1.90 -4.98
N GLN A 26 6.26 1.24 -4.84
CA GLN A 26 7.47 1.65 -5.54
C GLN A 26 7.56 1.06 -6.95
N ASN A 27 6.42 0.87 -7.59
CA ASN A 27 6.38 0.52 -8.99
C ASN A 27 6.04 1.75 -9.83
N SER A 28 6.42 2.91 -9.28
CA SER A 28 6.27 4.21 -9.94
C SER A 28 4.82 4.65 -10.04
N ARG A 29 4.02 3.93 -10.81
CA ARG A 29 2.64 4.31 -11.10
C ARG A 29 1.82 4.46 -9.82
N VAL A 30 2.09 3.60 -8.84
CA VAL A 30 1.32 3.61 -7.60
C VAL A 30 1.49 4.93 -6.85
N ARG A 31 2.72 5.42 -6.76
CA ARG A 31 2.99 6.66 -6.02
C ARG A 31 2.35 7.85 -6.73
N GLN A 32 2.04 7.66 -8.01
CA GLN A 32 1.39 8.70 -8.81
C GLN A 32 -0.12 8.49 -8.85
N SER A 33 -0.57 7.43 -8.19
CA SER A 33 -1.99 7.15 -8.07
C SER A 33 -2.54 7.86 -6.83
N PRO A 34 -3.84 8.19 -6.82
CA PRO A 34 -4.46 8.93 -5.71
C PRO A 34 -4.37 8.17 -4.38
N LEU A 35 -4.15 8.92 -3.30
CA LEU A 35 -4.09 8.36 -1.96
C LEU A 35 -5.43 7.75 -1.57
N ALA A 36 -6.49 8.21 -2.21
CA ALA A 36 -7.81 7.63 -2.01
C ALA A 36 -7.77 6.13 -2.27
N THR A 37 -7.17 5.73 -3.39
CA THR A 37 -6.97 4.33 -3.69
C THR A 37 -5.93 3.73 -2.75
N ARG A 38 -4.72 4.28 -2.79
CA ARG A 38 -3.58 3.70 -2.10
C ARG A 38 -3.84 3.44 -0.61
N ARG A 39 -4.40 4.41 0.09
CA ARG A 39 -4.58 4.31 1.53
C ARG A 39 -5.61 3.23 1.89
N ALA A 40 -6.79 3.30 1.30
CA ALA A 40 -7.83 2.31 1.56
C ALA A 40 -7.38 0.93 1.07
N PHE A 41 -6.63 0.94 -0.03
CA PHE A 41 -6.11 -0.27 -0.64
C PHE A 41 -5.30 -1.12 0.33
N LEU A 42 -4.16 -0.61 0.78
CA LEU A 42 -3.27 -1.40 1.61
C LEU A 42 -3.88 -1.69 2.98
N LYS A 43 -4.80 -0.85 3.41
CA LYS A 43 -5.54 -1.11 4.65
C LYS A 43 -6.37 -2.38 4.53
N LYS A 44 -7.10 -2.48 3.42
CA LYS A 44 -7.94 -3.64 3.15
C LYS A 44 -7.08 -4.87 2.88
N LYS A 45 -5.84 -4.64 2.49
CA LYS A 45 -4.90 -5.73 2.29
C LYS A 45 -4.53 -6.35 3.63
N GLY A 46 -4.23 -5.51 4.61
CA GLY A 46 -3.94 -6.00 5.94
C GLY A 46 -3.00 -5.13 6.74
N LEU A 47 -3.42 -3.89 7.00
CA LEU A 47 -2.68 -2.98 7.88
C LEU A 47 -3.49 -1.73 8.18
N THR A 48 -3.30 -1.17 9.37
CA THR A 48 -4.05 0.01 9.79
C THR A 48 -3.25 1.28 9.47
N ASP A 49 -3.83 2.45 9.74
CA ASP A 49 -3.23 3.75 9.36
C ASP A 49 -1.77 3.84 9.79
N GLU A 50 -1.47 3.46 11.02
CA GLU A 50 -0.10 3.48 11.52
C GLU A 50 0.86 2.74 10.58
N GLU A 51 0.41 1.62 10.05
CA GLU A 51 1.20 0.83 9.13
C GLU A 51 1.20 1.46 7.74
N ILE A 52 0.15 2.20 7.39
CA ILE A 52 0.08 2.82 6.08
C ILE A 52 1.11 3.94 5.98
N ASP A 53 1.29 4.71 7.05
CA ASP A 53 2.32 5.75 7.04
C ASP A 53 3.68 5.08 7.08
N MET A 54 3.74 3.88 7.66
CA MET A 54 4.99 3.11 7.65
C MET A 54 5.39 2.71 6.24
N ALA A 55 4.46 2.15 5.49
CA ALA A 55 4.73 1.74 4.12
C ALA A 55 4.95 2.97 3.23
N PHE A 56 4.14 4.00 3.45
CA PHE A 56 4.26 5.24 2.72
C PHE A 56 5.54 5.99 3.10
N GLN A 57 5.99 5.79 4.33
CA GLN A 57 7.24 6.38 4.80
C GLN A 57 8.42 5.78 4.04
N GLN A 58 8.46 4.46 3.97
CA GLN A 58 9.53 3.74 3.29
C GLN A 58 9.54 4.08 1.81
N SER A 59 8.37 4.23 1.23
CA SER A 59 8.26 4.55 -0.19
C SER A 59 8.41 6.05 -0.45
N GLY A 60 8.61 6.81 0.63
CA GLY A 60 8.82 8.25 0.53
C GLY A 60 7.61 8.97 -0.03
N THR A 61 6.42 8.52 0.35
CA THR A 61 5.19 9.09 -0.18
C THR A 61 4.26 9.57 0.93
N ALA A 62 4.82 9.78 2.11
CA ALA A 62 4.07 10.34 3.22
C ALA A 62 3.94 11.85 3.01
N ALA A 63 3.11 12.21 2.04
CA ALA A 63 2.95 13.59 1.60
C ALA A 63 2.62 14.54 2.74
N ASP A 64 1.40 14.46 3.26
CA ASP A 64 0.97 15.39 4.29
C ASP A 64 0.37 14.63 5.46
N GLU A 65 -0.84 14.10 5.27
CA GLU A 65 -1.48 13.25 6.25
C GLU A 65 -1.88 11.94 5.61
N SER B 1 -6.80 -5.08 -17.49
CA SER B 1 -5.33 -5.28 -17.44
C SER B 1 -4.70 -4.38 -16.37
N GLN B 2 -5.36 -3.29 -16.03
CA GLN B 2 -4.87 -2.39 -15.00
C GLN B 2 -5.31 -2.85 -13.61
N GLU B 3 -6.48 -3.46 -13.54
CA GLU B 3 -7.04 -3.90 -12.26
C GLU B 3 -6.17 -5.00 -11.63
N LYS B 4 -5.58 -5.84 -12.46
CA LYS B 4 -4.73 -6.92 -11.98
C LYS B 4 -3.43 -6.36 -11.37
N PHE B 5 -3.11 -5.12 -11.72
CA PHE B 5 -1.91 -4.47 -11.20
C PHE B 5 -2.08 -4.14 -9.73
N PHE B 6 -3.31 -3.79 -9.34
CA PHE B 6 -3.60 -3.48 -7.95
C PHE B 6 -3.77 -4.74 -7.11
N GLN B 7 -4.30 -5.80 -7.70
CA GLN B 7 -4.59 -7.02 -6.96
C GLN B 7 -3.42 -8.01 -6.98
N GLU B 8 -2.90 -8.30 -8.17
CA GLU B 8 -1.96 -9.40 -8.34
C GLU B 8 -0.56 -8.99 -7.89
N LEU B 9 -0.24 -7.71 -7.98
CA LEU B 9 1.06 -7.22 -7.56
C LEU B 9 1.18 -7.28 -6.04
N PHE B 10 0.04 -7.36 -5.37
CA PHE B 10 0.02 -7.42 -3.92
C PHE B 10 -0.09 -8.86 -3.43
N ASP B 11 -0.26 -9.79 -4.36
CA ASP B 11 -0.34 -11.22 -4.03
C ASP B 11 0.98 -11.67 -3.42
N SER B 12 2.06 -11.39 -4.14
CA SER B 12 3.39 -11.73 -3.70
C SER B 12 4.34 -10.58 -3.98
N GLU A 9 -10.95 -7.84 11.51
CA GLU A 9 -11.54 -8.62 10.43
C GLU A 9 -10.45 -9.32 9.61
N ASN A 10 -9.48 -8.55 9.19
CA ASN A 10 -8.32 -9.06 8.47
C ASN A 10 -7.26 -7.98 8.47
N VAL A 11 -7.04 -7.41 9.65
CA VAL A 11 -6.13 -6.28 9.78
C VAL A 11 -4.99 -6.65 10.73
N LEU A 12 -4.25 -7.68 10.35
CA LEU A 12 -3.08 -8.09 11.11
C LEU A 12 -1.83 -7.53 10.44
N PRO A 13 -1.21 -6.52 11.05
CA PRO A 13 0.02 -5.90 10.51
C PRO A 13 1.18 -6.89 10.44
N ARG A 14 1.32 -7.54 9.30
CA ARG A 14 2.34 -8.56 9.11
C ARG A 14 3.62 -7.94 8.57
N GLU A 15 4.76 -8.51 8.94
CA GLU A 15 6.06 -8.01 8.51
C GLU A 15 6.20 -8.10 6.98
N PRO A 16 5.98 -9.28 6.36
CA PRO A 16 6.06 -9.42 4.90
C PRO A 16 5.00 -8.59 4.17
N LEU A 17 3.95 -8.22 4.90
CA LEU A 17 2.87 -7.42 4.35
C LEU A 17 3.38 -6.02 4.03
N ILE A 18 4.11 -5.44 4.97
CA ILE A 18 4.70 -4.12 4.78
C ILE A 18 5.73 -4.15 3.67
N ALA A 19 6.54 -5.21 3.65
CA ALA A 19 7.55 -5.40 2.61
C ALA A 19 6.92 -5.46 1.23
N THR A 20 5.81 -6.18 1.11
CA THR A 20 5.10 -6.29 -0.15
C THR A 20 4.48 -4.95 -0.54
N ALA A 21 3.99 -4.21 0.46
CA ALA A 21 3.39 -2.92 0.21
C ALA A 21 4.40 -1.96 -0.42
N VAL A 22 5.63 -2.00 0.07
CA VAL A 22 6.69 -1.16 -0.49
C VAL A 22 6.99 -1.57 -1.93
N LYS A 23 7.04 -2.87 -2.16
CA LYS A 23 7.21 -3.42 -3.51
C LYS A 23 6.11 -2.90 -4.43
N PHE A 24 4.89 -2.93 -3.92
CA PHE A 24 3.73 -2.44 -4.63
C PHE A 24 3.88 -0.95 -4.93
N LEU A 25 4.08 -0.17 -3.87
CA LEU A 25 4.16 1.29 -3.94
C LEU A 25 5.17 1.75 -4.98
N GLN A 26 6.32 1.09 -5.03
CA GLN A 26 7.39 1.52 -5.90
C GLN A 26 7.32 0.83 -7.26
N ASN A 27 6.10 0.69 -7.77
CA ASN A 27 5.87 0.32 -9.16
C ASN A 27 5.83 1.59 -10.01
N SER A 28 6.14 2.71 -9.35
CA SER A 28 6.15 4.04 -9.96
C SER A 28 4.73 4.56 -10.14
N ARG A 29 3.92 3.84 -10.92
CA ARG A 29 2.56 4.27 -11.22
C ARG A 29 1.65 4.19 -9.98
N VAL A 30 2.08 3.48 -8.96
CA VAL A 30 1.29 3.36 -7.73
C VAL A 30 1.25 4.69 -6.98
N ARG A 31 2.33 5.44 -7.08
CA ARG A 31 2.41 6.75 -6.45
C ARG A 31 1.58 7.76 -7.24
N GLN A 32 1.54 7.57 -8.55
CA GLN A 32 0.72 8.41 -9.43
C GLN A 32 -0.75 8.03 -9.31
N SER A 33 -0.98 6.74 -9.08
CA SER A 33 -2.31 6.22 -8.80
C SER A 33 -2.88 6.91 -7.57
N PRO A 34 -4.14 7.38 -7.66
CA PRO A 34 -4.79 8.17 -6.61
C PRO A 34 -4.55 7.60 -5.21
N LEU A 35 -4.03 8.44 -4.33
CA LEU A 35 -3.74 8.03 -2.98
C LEU A 35 -5.03 7.79 -2.21
N ALA A 36 -6.12 8.33 -2.72
CA ALA A 36 -7.46 7.99 -2.24
C ALA A 36 -7.62 6.48 -2.26
N THR A 37 -7.16 5.85 -3.35
CA THR A 37 -7.11 4.41 -3.44
C THR A 37 -6.09 3.85 -2.46
N ARG A 38 -4.94 4.51 -2.35
CA ARG A 38 -3.86 4.05 -1.49
C ARG A 38 -4.33 3.79 -0.07
N ARG A 39 -5.10 4.72 0.49
CA ARG A 39 -5.58 4.55 1.87
C ARG A 39 -6.47 3.32 2.00
N ALA A 40 -7.55 3.27 1.23
CA ALA A 40 -8.50 2.15 1.30
C ALA A 40 -7.82 0.83 0.98
N PHE A 41 -6.98 0.86 -0.04
CA PHE A 41 -6.22 -0.30 -0.47
C PHE A 41 -5.31 -0.81 0.65
N LEU A 42 -4.54 0.09 1.24
CA LEU A 42 -3.64 -0.26 2.35
C LEU A 42 -4.43 -0.84 3.52
N LYS A 43 -5.51 -0.16 3.89
CA LYS A 43 -6.33 -0.58 5.02
C LYS A 43 -7.01 -1.93 4.76
N LYS A 44 -7.38 -2.17 3.51
CA LYS A 44 -8.03 -3.43 3.14
C LYS A 44 -7.04 -4.57 2.99
N LYS A 45 -5.77 -4.24 2.74
CA LYS A 45 -4.75 -5.26 2.54
C LYS A 45 -4.34 -5.89 3.87
N GLY A 46 -4.78 -5.29 4.98
CA GLY A 46 -4.60 -5.93 6.27
C GLY A 46 -3.67 -5.19 7.19
N LEU A 47 -3.54 -3.89 7.02
CA LEU A 47 -2.70 -3.10 7.91
C LEU A 47 -3.40 -1.81 8.29
N THR A 48 -3.27 -1.44 9.56
CA THR A 48 -3.94 -0.27 10.09
C THR A 48 -3.27 1.03 9.64
N ASP A 49 -3.89 2.17 9.96
CA ASP A 49 -3.45 3.47 9.47
C ASP A 49 -1.96 3.73 9.74
N GLU A 50 -1.52 3.47 10.96
CA GLU A 50 -0.12 3.71 11.30
C GLU A 50 0.82 2.85 10.45
N GLU A 51 0.35 1.70 10.01
CA GLU A 51 1.13 0.84 9.13
C GLU A 51 1.17 1.39 7.72
N ILE A 52 0.12 2.10 7.32
CA ILE A 52 0.08 2.68 5.98
C ILE A 52 1.09 3.80 5.88
N ASP A 53 1.17 4.65 6.92
CA ASP A 53 2.16 5.73 6.93
C ASP A 53 3.52 5.15 7.19
N MET A 54 3.59 3.91 7.67
CA MET A 54 4.86 3.21 7.82
C MET A 54 5.40 2.79 6.45
N ALA A 55 4.55 2.14 5.66
CA ALA A 55 4.94 1.72 4.33
C ALA A 55 5.18 2.94 3.44
N PHE A 56 4.33 3.95 3.61
CA PHE A 56 4.48 5.20 2.91
C PHE A 56 5.65 6.01 3.46
N GLN A 57 5.98 5.80 4.73
CA GLN A 57 7.15 6.41 5.36
C GLN A 57 8.40 5.96 4.63
N GLN A 58 8.55 4.64 4.54
CA GLN A 58 9.72 4.03 3.95
C GLN A 58 9.80 4.33 2.46
N SER A 59 8.65 4.56 1.84
CA SER A 59 8.59 4.93 0.44
C SER A 59 8.81 6.43 0.25
N GLY A 60 8.81 7.17 1.37
CA GLY A 60 9.03 8.59 1.33
C GLY A 60 7.89 9.34 0.67
N THR A 61 6.68 8.89 0.91
CA THR A 61 5.51 9.47 0.27
C THR A 61 4.58 10.11 1.30
N ALA A 62 4.86 11.37 1.63
CA ALA A 62 4.00 12.13 2.54
C ALA A 62 3.05 13.01 1.74
N ALA A 63 3.30 13.10 0.44
CA ALA A 63 2.45 13.85 -0.46
C ALA A 63 1.08 13.19 -0.55
N ASP A 64 0.06 13.99 -0.30
CA ASP A 64 -1.32 13.51 -0.18
C ASP A 64 -1.46 12.67 1.08
N GLU A 65 -1.85 13.35 2.16
CA GLU A 65 -1.88 12.79 3.49
C GLU A 65 -2.59 11.44 3.57
N SER B 1 -7.12 -4.65 -17.20
CA SER B 1 -7.83 -4.59 -15.90
C SER B 1 -7.01 -3.83 -14.87
N GLN B 2 -7.56 -2.70 -14.41
CA GLN B 2 -6.89 -1.89 -13.39
C GLN B 2 -6.89 -2.63 -12.04
N GLU B 3 -7.88 -3.51 -11.88
CA GLU B 3 -7.96 -4.38 -10.70
C GLU B 3 -6.65 -5.14 -10.47
N LYS B 4 -6.04 -5.60 -11.54
CA LYS B 4 -4.80 -6.36 -11.46
C LYS B 4 -3.66 -5.48 -10.95
N PHE B 5 -3.70 -4.20 -11.31
CA PHE B 5 -2.68 -3.27 -10.89
C PHE B 5 -2.67 -3.14 -9.37
N PHE B 6 -3.80 -3.44 -8.74
CA PHE B 6 -3.91 -3.41 -7.30
C PHE B 6 -3.69 -4.78 -6.68
N GLN B 7 -4.41 -5.78 -7.18
CA GLN B 7 -4.40 -7.11 -6.58
C GLN B 7 -3.18 -7.93 -7.01
N GLU B 8 -2.90 -7.92 -8.31
CA GLU B 8 -1.86 -8.76 -8.88
C GLU B 8 -0.49 -8.35 -8.33
N LEU B 9 -0.21 -7.06 -8.37
CA LEU B 9 1.11 -6.54 -7.97
C LEU B 9 1.36 -6.69 -6.47
N PHE B 10 0.33 -7.05 -5.71
CA PHE B 10 0.50 -7.20 -4.27
C PHE B 10 0.55 -8.67 -3.89
N ASP B 11 0.34 -9.54 -4.86
CA ASP B 11 0.29 -10.98 -4.58
C ASP B 11 1.68 -11.54 -4.37
N SER B 12 2.67 -10.89 -4.97
CA SER B 12 4.06 -11.28 -4.78
C SER B 12 4.96 -10.07 -4.98
#